data_7L5C
#
_entry.id   7L5C
#
_cell.length_a   140.630
_cell.length_b   87.160
_cell.length_c   98.590
_cell.angle_alpha   90.000
_cell.angle_beta   90.000
_cell.angle_gamma   90.000
#
_symmetry.space_group_name_H-M   'P 21 21 2'
#
loop_
_entity.id
_entity.type
_entity.pdbx_description
1 polymer 'Protein MEMO1'
2 non-polymer 1,2-ETHANEDIOL
3 non-polymer 'COPPER (I) ION'
4 non-polymer GLYCEROL
5 water water
#
_entity_poly.entity_id   1
_entity_poly.type   'polypeptide(L)'
_entity_poly.pdbx_seq_one_letter_code
;RVVCREASHAGSWYTASGPQLNAQLEGWLSQVQSTKRPARAIIAPHAGYTYCGSCAAHAYKQVDPSITRRIFILGPSHHV
PLSRCALSSVDIYRTPLYDLRIDQKIYGELWKTGMFERMSLQTDEDEHSIEMHLPYTAKAMESHKDEFTIIPVLVGALSE
SKEQEFGKLFSKYLADPSNLFVVSSDFCHWGQRFRYSYYDESQGEIYRSIEHLDKMGMSIIEQLDPVSFSNYLKKYHNTI
CGRHPIGVLLNAITELQKNGMNMSFSFLNYAQSSQCRNWQDSSVSYAAGALTVH
;
_entity_poly.pdbx_strand_id   A,B,C,D
#
loop_
_chem_comp.id
_chem_comp.type
_chem_comp.name
_chem_comp.formula
CU1 non-polymer 'COPPER (I) ION' 'Cu 1'
EDO non-polymer 1,2-ETHANEDIOL 'C2 H6 O2'
GOL non-polymer GLYCEROL 'C3 H8 O3'
#
# COMPACT_ATOMS: atom_id res chain seq x y z
N VAL A 2 -4.66 7.54 1.35
CA VAL A 2 -3.58 6.74 1.90
C VAL A 2 -2.46 7.64 2.42
N VAL A 3 -1.22 7.20 2.22
CA VAL A 3 -0.05 7.95 2.62
C VAL A 3 0.87 8.29 1.45
N CYS A 4 0.54 7.85 0.23
CA CYS A 4 1.36 8.10 -0.94
C CYS A 4 0.51 8.73 -2.04
N ARG A 5 1.05 9.75 -2.69
CA ARG A 5 0.49 10.26 -3.92
C ARG A 5 1.05 9.46 -5.08
N GLU A 6 0.17 8.74 -5.78
CA GLU A 6 0.59 7.94 -6.91
C GLU A 6 1.04 8.81 -8.07
N ALA A 7 1.93 8.26 -8.91
CA ALA A 7 2.33 8.90 -10.15
C ALA A 7 1.15 8.84 -11.11
N SER A 8 0.18 9.73 -10.88
CA SER A 8 -1.12 9.65 -11.53
C SER A 8 -1.05 9.90 -13.03
N HIS A 9 -0.02 10.56 -13.53
CA HIS A 9 0.09 10.87 -14.95
C HIS A 9 1.21 10.08 -15.62
N ALA A 10 1.74 9.05 -14.96
CA ALA A 10 2.72 8.18 -15.60
C ALA A 10 2.04 7.31 -16.65
N GLY A 11 2.69 7.10 -17.78
CA GLY A 11 2.05 6.38 -18.89
C GLY A 11 1.58 7.35 -19.94
N SER A 12 0.94 8.44 -19.51
CA SER A 12 0.39 9.44 -20.44
C SER A 12 1.37 10.61 -20.64
N TRP A 13 1.77 11.27 -19.57
CA TRP A 13 2.62 12.49 -19.69
C TRP A 13 4.09 12.10 -19.73
N TYR A 14 4.43 10.90 -19.25
CA TYR A 14 5.79 10.39 -19.32
C TYR A 14 5.73 8.88 -19.18
N THR A 15 6.78 8.22 -19.67
CA THR A 15 6.79 6.76 -19.68
C THR A 15 6.73 6.20 -18.26
N ALA A 16 5.83 5.24 -18.04
CA ALA A 16 5.68 4.58 -16.75
C ALA A 16 6.77 3.56 -16.47
N SER A 17 7.58 3.20 -17.46
CA SER A 17 8.64 2.23 -17.27
C SER A 17 9.85 2.92 -16.66
N GLY A 18 10.26 2.46 -15.49
CA GLY A 18 11.37 3.03 -14.77
C GLY A 18 12.67 3.06 -15.55
N PRO A 19 13.15 1.89 -15.98
CA PRO A 19 14.34 1.85 -16.83
C PRO A 19 14.27 2.76 -18.05
N GLN A 20 13.14 2.77 -18.76
CA GLN A 20 13.02 3.63 -19.92
C GLN A 20 13.03 5.10 -19.53
N LEU A 21 12.30 5.47 -18.47
CA LEU A 21 12.29 6.86 -18.02
C LEU A 21 13.67 7.29 -17.56
N ASN A 22 14.37 6.43 -16.81
CA ASN A 22 15.72 6.75 -16.36
C ASN A 22 16.64 7.04 -17.54
N ALA A 23 16.55 6.23 -18.60
CA ALA A 23 17.42 6.40 -19.76
C ALA A 23 17.11 7.69 -20.50
N GLN A 24 15.81 8.03 -20.62
CA GLN A 24 15.44 9.24 -21.36
C GLN A 24 15.97 10.49 -20.67
N LEU A 25 15.71 10.62 -19.37
CA LEU A 25 16.22 11.77 -18.62
C LEU A 25 17.73 11.85 -18.66
N GLU A 26 18.40 10.70 -18.51
CA GLU A 26 19.86 10.67 -18.61
C GLU A 26 20.32 11.17 -19.98
N GLY A 27 19.64 10.75 -21.05
CA GLY A 27 20.03 11.17 -22.38
C GLY A 27 19.82 12.66 -22.59
N TRP A 28 18.70 13.19 -22.13
CA TRP A 28 18.46 14.63 -22.26
C TRP A 28 19.47 15.43 -21.44
N LEU A 29 19.82 14.93 -20.25
CA LEU A 29 20.81 15.60 -19.43
C LEU A 29 22.22 15.47 -19.98
N SER A 30 22.46 14.49 -20.86
CA SER A 30 23.79 14.32 -21.44
C SER A 30 24.15 15.44 -22.39
N GLN A 31 23.16 16.01 -23.08
CA GLN A 31 23.40 17.03 -24.10
C GLN A 31 23.53 18.43 -23.53
N VAL A 32 23.59 18.58 -22.20
CA VAL A 32 23.64 19.89 -21.57
C VAL A 32 24.94 20.00 -20.78
N GLN A 33 25.62 21.13 -20.92
CA GLN A 33 26.82 21.43 -20.14
C GLN A 33 26.41 22.30 -18.95
N SER A 34 26.83 21.91 -17.76
CA SER A 34 26.47 22.64 -16.56
C SER A 34 27.22 23.97 -16.52
N THR A 35 26.48 25.06 -16.39
CA THR A 35 27.06 26.39 -16.40
C THR A 35 26.57 27.28 -15.26
N LYS A 36 25.52 26.88 -14.54
CA LYS A 36 24.95 27.69 -13.47
C LYS A 36 24.91 26.93 -12.14
N ARG A 37 25.81 25.96 -11.98
CA ARG A 37 25.87 25.23 -10.72
C ARG A 37 26.52 26.10 -9.64
N PRO A 38 25.99 26.08 -8.41
CA PRO A 38 24.80 25.32 -8.02
C PRO A 38 23.54 26.18 -8.10
N ALA A 39 22.52 25.68 -8.78
CA ALA A 39 21.30 26.44 -8.96
C ALA A 39 20.55 26.58 -7.64
N ARG A 40 20.20 27.81 -7.27
CA ARG A 40 19.32 28.02 -6.13
C ARG A 40 17.86 27.90 -6.52
N ALA A 41 17.52 28.27 -7.75
CA ALA A 41 16.16 28.09 -8.27
C ALA A 41 16.26 27.81 -9.77
N ILE A 42 15.21 27.17 -10.28
CA ILE A 42 15.10 26.89 -11.72
C ILE A 42 13.67 27.13 -12.18
N ILE A 43 13.53 27.46 -13.46
CA ILE A 43 12.24 27.52 -14.13
C ILE A 43 12.26 26.47 -15.24
N ALA A 44 11.27 25.59 -15.24
CA ALA A 44 11.23 24.47 -16.16
C ALA A 44 9.80 24.21 -16.60
N PRO A 45 9.60 23.74 -17.84
CA PRO A 45 8.24 23.49 -18.32
C PRO A 45 7.62 22.27 -17.66
N HIS A 46 6.30 22.16 -17.80
CA HIS A 46 5.55 21.05 -17.22
C HIS A 46 4.65 20.40 -18.25
N ALA A 47 5.03 20.44 -19.52
CA ALA A 47 4.30 19.73 -20.55
C ALA A 47 4.75 18.27 -20.58
N GLY A 48 4.26 17.50 -21.54
CA GLY A 48 4.72 16.13 -21.69
C GLY A 48 6.19 16.08 -22.06
N TYR A 49 6.88 15.06 -21.55
CA TYR A 49 8.32 14.94 -21.79
C TYR A 49 8.63 14.80 -23.26
N THR A 50 7.70 14.24 -24.06
CA THR A 50 7.93 14.11 -25.48
C THR A 50 8.01 15.46 -26.18
N TYR A 51 7.49 16.52 -25.57
CA TYR A 51 7.55 17.87 -26.13
C TYR A 51 8.67 18.70 -25.53
N CYS A 52 8.80 18.69 -24.19
CA CYS A 52 9.69 19.61 -23.49
C CYS A 52 10.79 18.91 -22.71
N GLY A 53 11.01 17.60 -22.93
CA GLY A 53 11.98 16.88 -22.13
C GLY A 53 13.40 17.40 -22.30
N SER A 54 13.84 17.56 -23.55
CA SER A 54 15.20 18.04 -23.80
C SER A 54 15.38 19.47 -23.31
N CYS A 55 14.30 20.27 -23.35
CA CYS A 55 14.39 21.65 -22.88
C CYS A 55 14.55 21.69 -21.37
N ALA A 56 13.72 20.93 -20.65
CA ALA A 56 13.77 20.94 -19.19
C ALA A 56 15.13 20.45 -18.67
N ALA A 57 15.82 19.62 -19.45
CA ALA A 57 17.12 19.13 -19.03
C ALA A 57 18.13 20.27 -18.89
N HIS A 58 17.93 21.37 -19.62
CA HIS A 58 18.83 22.50 -19.50
C HIS A 58 18.75 23.13 -18.12
N ALA A 59 17.62 22.99 -17.43
CA ALA A 59 17.47 23.53 -16.09
C ALA A 59 17.97 22.56 -15.02
N TYR A 60 17.67 21.27 -15.15
CA TYR A 60 18.02 20.32 -14.10
C TYR A 60 19.51 19.99 -14.09
N LYS A 61 20.22 20.22 -15.20
CA LYS A 61 21.68 20.03 -15.20
C LYS A 61 22.39 21.06 -14.32
N GLN A 62 21.73 22.16 -13.96
CA GLN A 62 22.34 23.15 -13.10
C GLN A 62 22.18 22.85 -11.62
N VAL A 63 21.42 21.80 -11.28
CA VAL A 63 21.27 21.38 -9.89
C VAL A 63 22.49 20.58 -9.48
N ASP A 64 23.09 20.95 -8.34
CA ASP A 64 24.20 20.21 -7.78
C ASP A 64 23.68 19.29 -6.69
N PRO A 65 23.63 17.97 -6.91
CA PRO A 65 23.06 17.08 -5.89
C PRO A 65 23.89 16.98 -4.62
N SER A 66 25.18 17.35 -4.66
CA SER A 66 26.00 17.30 -3.47
C SER A 66 25.76 18.48 -2.54
N ILE A 67 24.98 19.47 -2.97
CA ILE A 67 24.69 20.67 -2.18
C ILE A 67 23.21 20.74 -1.81
N THR A 68 22.33 20.52 -2.79
CA THR A 68 20.90 20.67 -2.55
C THR A 68 20.38 19.51 -1.69
N ARG A 69 19.56 19.85 -0.70
CA ARG A 69 18.95 18.86 0.18
C ARG A 69 17.44 19.00 0.34
N ARG A 70 16.86 20.15 0.02
CA ARG A 70 15.42 20.36 0.11
C ARG A 70 14.96 21.07 -1.17
N ILE A 71 13.97 20.49 -1.84
CA ILE A 71 13.58 20.94 -3.18
C ILE A 71 12.12 21.40 -3.12
N PHE A 72 11.93 22.71 -3.19
CA PHE A 72 10.60 23.29 -3.32
C PHE A 72 10.14 23.21 -4.77
N ILE A 73 8.92 22.72 -4.99
CA ILE A 73 8.31 22.65 -6.31
C ILE A 73 7.02 23.44 -6.27
N LEU A 74 7.00 24.59 -6.96
CA LEU A 74 5.85 25.49 -6.98
C LEU A 74 5.21 25.41 -8.36
N GLY A 75 3.99 24.86 -8.41
CA GLY A 75 3.27 24.71 -9.65
C GLY A 75 1.90 25.36 -9.66
N PRO A 76 1.47 25.84 -10.81
CA PRO A 76 0.14 26.45 -10.91
C PRO A 76 -0.97 25.41 -10.92
N SER A 77 -2.11 25.79 -10.34
CA SER A 77 -3.27 24.93 -10.34
C SER A 77 -4.04 25.03 -11.65
N HIS A 78 -4.46 23.88 -12.17
CA HIS A 78 -5.17 23.80 -13.44
C HIS A 78 -6.61 23.33 -13.32
N HIS A 79 -6.99 22.70 -12.21
CA HIS A 79 -8.31 22.10 -12.08
C HIS A 79 -9.10 22.58 -10.87
N VAL A 80 -8.46 23.16 -9.86
CA VAL A 80 -9.11 23.49 -8.60
C VAL A 80 -9.11 24.99 -8.44
N PRO A 81 -10.23 25.62 -8.05
CA PRO A 81 -10.22 27.06 -7.78
C PRO A 81 -9.44 27.34 -6.50
N LEU A 82 -8.35 28.09 -6.63
CA LEU A 82 -7.45 28.35 -5.51
C LEU A 82 -7.01 29.80 -5.58
N SER A 83 -7.34 30.57 -4.55
CA SER A 83 -6.91 31.96 -4.45
C SER A 83 -5.66 32.13 -3.60
N ARG A 84 -5.18 31.07 -2.96
CA ARG A 84 -3.97 31.12 -2.15
C ARG A 84 -3.01 30.04 -2.62
N CYS A 85 -2.25 29.46 -1.70
CA CYS A 85 -1.39 28.32 -1.99
C CYS A 85 -1.87 27.12 -1.18
N ALA A 86 -1.62 25.93 -1.71
CA ALA A 86 -2.11 24.70 -1.10
C ALA A 86 -0.95 23.73 -0.87
N LEU A 87 -1.04 23.00 0.24
CA LEU A 87 -0.06 21.98 0.59
C LEU A 87 -0.70 20.60 0.51
N SER A 88 0.15 19.60 0.27
CA SER A 88 -0.34 18.23 0.16
C SER A 88 -0.72 17.66 1.52
N SER A 89 -1.60 16.66 1.49
CA SER A 89 -2.04 15.98 2.71
C SER A 89 -1.36 14.62 2.91
N VAL A 90 -0.61 14.15 1.92
CA VAL A 90 0.10 12.87 2.05
C VAL A 90 1.52 13.13 2.49
N ASP A 91 2.34 12.08 2.55
CA ASP A 91 3.72 12.19 2.99
C ASP A 91 4.75 11.77 1.95
N ILE A 92 4.35 11.04 0.91
CA ILE A 92 5.27 10.51 -0.10
C ILE A 92 4.71 10.79 -1.48
N TYR A 93 5.58 11.26 -2.38
CA TYR A 93 5.27 11.41 -3.80
C TYR A 93 5.98 10.30 -4.56
N ARG A 94 5.21 9.47 -5.25
CA ARG A 94 5.76 8.32 -5.97
C ARG A 94 6.18 8.71 -7.38
N THR A 95 7.29 8.13 -7.84
CA THR A 95 7.77 8.25 -9.20
C THR A 95 8.20 6.88 -9.69
N PRO A 96 8.23 6.65 -11.01
CA PRO A 96 8.74 5.38 -11.52
C PRO A 96 10.19 5.10 -11.15
N LEU A 97 10.99 6.14 -10.91
CA LEU A 97 12.40 5.93 -10.51
C LEU A 97 12.46 5.49 -9.06
N TYR A 98 12.22 6.41 -8.14
CA TYR A 98 12.08 6.09 -6.73
C TYR A 98 11.20 7.14 -6.08
N ASP A 99 10.60 6.78 -4.95
CA ASP A 99 9.63 7.65 -4.29
C ASP A 99 10.34 8.77 -3.53
N LEU A 100 9.68 9.92 -3.46
CA LEU A 100 10.22 11.12 -2.83
C LEU A 100 9.49 11.43 -1.54
N ARG A 101 10.23 11.88 -0.54
CA ARG A 101 9.70 12.16 0.79
C ARG A 101 9.46 13.65 0.98
N ILE A 102 8.32 13.98 1.56
CA ILE A 102 7.98 15.37 1.84
C ILE A 102 8.63 15.79 3.14
N ASP A 103 9.31 16.94 3.13
CA ASP A 103 9.97 17.46 4.31
C ASP A 103 8.92 17.88 5.35
N GLN A 104 8.79 17.08 6.42
CA GLN A 104 7.75 17.35 7.41
C GLN A 104 8.05 18.58 8.24
N LYS A 105 9.34 18.90 8.45
CA LYS A 105 9.68 20.07 9.23
C LYS A 105 9.22 21.35 8.53
N ILE A 106 9.54 21.49 7.25
CA ILE A 106 9.14 22.69 6.52
C ILE A 106 7.63 22.73 6.31
N TYR A 107 7.01 21.57 6.08
CA TYR A 107 5.56 21.52 5.93
C TYR A 107 4.86 22.02 7.18
N GLY A 108 5.37 21.66 8.36
CA GLY A 108 4.80 22.17 9.59
C GLY A 108 5.02 23.67 9.75
N GLU A 109 6.20 24.15 9.37
CA GLU A 109 6.46 25.59 9.43
C GLU A 109 5.57 26.36 8.46
N LEU A 110 5.43 25.86 7.24
CA LEU A 110 4.58 26.53 6.25
C LEU A 110 3.11 26.47 6.66
N TRP A 111 2.67 25.33 7.19
CA TRP A 111 1.27 25.19 7.59
C TRP A 111 0.96 26.08 8.80
N LYS A 112 1.92 26.23 9.71
CA LYS A 112 1.69 27.03 10.91
C LYS A 112 1.56 28.52 10.61
N THR A 113 1.85 28.94 9.38
CA THR A 113 1.69 30.36 8.99
C THR A 113 0.20 30.67 8.77
N GLY A 114 -0.59 29.67 8.42
CA GLY A 114 -2.03 29.87 8.16
C GLY A 114 -2.30 30.49 6.80
N MET A 115 -1.26 30.63 5.98
CA MET A 115 -1.39 31.24 4.64
C MET A 115 -1.67 30.13 3.63
N PHE A 116 -1.60 28.88 4.09
CA PHE A 116 -1.73 27.75 3.14
C PHE A 116 -3.01 26.97 3.35
N GLU A 117 -3.48 26.33 2.29
CA GLU A 117 -4.68 25.47 2.38
C GLU A 117 -4.23 24.02 2.22
N ARG A 118 -5.06 23.07 2.61
CA ARG A 118 -4.77 21.64 2.47
C ARG A 118 -5.54 21.11 1.28
N MET A 119 -4.82 20.66 0.26
CA MET A 119 -5.43 20.13 -0.94
C MET A 119 -5.68 18.64 -0.77
N SER A 120 -6.86 18.20 -1.22
CA SER A 120 -7.24 16.81 -1.05
C SER A 120 -6.35 15.90 -1.92
N LEU A 121 -6.43 14.60 -1.64
CA LEU A 121 -5.67 13.64 -2.43
C LEU A 121 -6.11 13.65 -3.89
N GLN A 122 -7.43 13.74 -4.13
CA GLN A 122 -7.93 13.81 -5.50
C GLN A 122 -7.41 15.04 -6.23
N THR A 123 -7.47 16.20 -5.58
CA THR A 123 -6.89 17.41 -6.16
C THR A 123 -5.40 17.22 -6.41
N ASP A 124 -4.71 16.58 -5.47
CA ASP A 124 -3.27 16.37 -5.61
C ASP A 124 -2.95 15.55 -6.86
N GLU A 125 -3.60 14.39 -7.01
CA GLU A 125 -3.31 13.51 -8.15
C GLU A 125 -3.88 14.04 -9.46
N ASP A 126 -4.93 14.86 -9.41
CA ASP A 126 -5.49 15.42 -10.63
C ASP A 126 -4.52 16.42 -11.24
N GLU A 127 -3.85 17.19 -10.40
CA GLU A 127 -2.90 18.18 -10.87
C GLU A 127 -1.65 17.52 -11.46
N HIS A 128 -1.05 18.19 -12.45
CA HIS A 128 0.16 17.71 -13.10
C HIS A 128 1.32 18.69 -13.03
N SER A 129 1.08 19.96 -12.66
CA SER A 129 2.13 20.96 -12.75
C SER A 129 3.27 20.69 -11.78
N ILE A 130 2.99 20.02 -10.67
CA ILE A 130 4.06 19.61 -9.75
C ILE A 130 4.63 18.25 -10.14
N GLU A 131 3.76 17.31 -10.53
CA GLU A 131 4.19 15.94 -10.76
C GLU A 131 5.22 15.85 -11.89
N MET A 132 5.06 16.68 -12.93
CA MET A 132 5.98 16.61 -14.07
C MET A 132 7.42 16.88 -13.70
N HIS A 133 7.68 17.40 -12.50
CA HIS A 133 9.04 17.66 -12.04
C HIS A 133 9.58 16.60 -11.11
N LEU A 134 8.74 15.64 -10.68
CA LEU A 134 9.22 14.61 -9.77
C LEU A 134 10.23 13.67 -10.42
N PRO A 135 9.98 13.11 -11.61
CA PRO A 135 11.00 12.22 -12.21
C PRO A 135 12.31 12.94 -12.49
N TYR A 136 12.26 14.16 -12.99
CA TYR A 136 13.50 14.91 -13.24
C TYR A 136 14.23 15.21 -11.94
N THR A 137 13.49 15.57 -10.89
CA THR A 137 14.10 15.82 -9.59
C THR A 137 14.80 14.57 -9.06
N ALA A 138 14.11 13.44 -9.09
CA ALA A 138 14.68 12.19 -8.58
C ALA A 138 15.90 11.78 -9.39
N LYS A 139 15.89 12.02 -10.71
CA LYS A 139 17.03 11.65 -11.54
C LYS A 139 18.24 12.51 -11.21
N ALA A 140 18.05 13.83 -11.11
CA ALA A 140 19.17 14.73 -10.84
C ALA A 140 19.69 14.58 -9.41
N MET A 141 18.92 13.95 -8.52
CA MET A 141 19.30 13.81 -7.12
C MET A 141 19.61 12.37 -6.72
N GLU A 142 19.74 11.46 -7.69
CA GLU A 142 19.92 10.05 -7.36
C GLU A 142 21.26 9.76 -6.68
N SER A 143 22.28 10.61 -6.89
CA SER A 143 23.55 10.40 -6.21
C SER A 143 23.39 10.56 -4.70
N HIS A 144 22.40 11.34 -4.26
CA HIS A 144 22.05 11.51 -2.85
C HIS A 144 20.57 11.21 -2.65
N LYS A 145 20.14 10.06 -3.18
CA LYS A 145 18.72 9.72 -3.20
C LYS A 145 18.11 9.61 -1.81
N ASP A 146 18.91 9.35 -0.78
CA ASP A 146 18.41 9.17 0.57
C ASP A 146 18.69 10.35 1.48
N GLU A 147 19.17 11.48 0.95
CA GLU A 147 19.45 12.64 1.78
C GLU A 147 18.66 13.89 1.41
N PHE A 148 17.63 13.78 0.58
CA PHE A 148 16.91 14.97 0.15
C PHE A 148 15.41 14.77 0.30
N THR A 149 14.71 15.90 0.49
CA THR A 149 13.26 15.93 0.63
C THR A 149 12.69 16.93 -0.39
N ILE A 150 11.37 16.90 -0.52
CA ILE A 150 10.65 17.78 -1.44
C ILE A 150 9.59 18.53 -0.67
N ILE A 151 9.25 19.72 -1.16
CA ILE A 151 8.21 20.56 -0.56
C ILE A 151 7.24 20.96 -1.66
N PRO A 152 6.17 20.17 -1.90
CA PRO A 152 5.22 20.52 -2.96
C PRO A 152 4.32 21.66 -2.53
N VAL A 153 4.14 22.63 -3.43
CA VAL A 153 3.30 23.80 -3.17
C VAL A 153 2.46 24.08 -4.42
N LEU A 154 1.15 23.91 -4.30
CA LEU A 154 0.24 24.27 -5.39
C LEU A 154 -0.06 25.76 -5.31
N VAL A 155 0.19 26.48 -6.40
CA VAL A 155 0.03 27.93 -6.44
C VAL A 155 -1.25 28.27 -7.20
N GLY A 156 -2.14 29.02 -6.56
CA GLY A 156 -3.40 29.41 -7.15
C GLY A 156 -3.34 30.77 -7.83
N ALA A 157 -4.52 31.34 -8.07
CA ALA A 157 -4.67 32.63 -8.73
C ALA A 157 -4.34 33.75 -7.74
N LEU A 158 -3.05 34.01 -7.60
CA LEU A 158 -2.57 34.95 -6.58
C LEU A 158 -2.70 36.40 -7.05
N SER A 159 -3.16 37.26 -6.15
CA SER A 159 -3.10 38.69 -6.42
C SER A 159 -1.65 39.16 -6.34
N GLU A 160 -1.40 40.38 -6.83
CA GLU A 160 -0.05 40.93 -6.78
C GLU A 160 0.43 41.06 -5.33
N SER A 161 -0.45 41.49 -4.43
CA SER A 161 -0.08 41.59 -3.02
C SER A 161 0.18 40.20 -2.44
N LYS A 162 -0.61 39.20 -2.84
CA LYS A 162 -0.38 37.84 -2.36
C LYS A 162 0.91 37.26 -2.93
N GLU A 163 1.26 37.62 -4.17
CA GLU A 163 2.53 37.17 -4.72
C GLU A 163 3.70 37.73 -3.93
N GLN A 164 3.55 38.97 -3.44
CA GLN A 164 4.61 39.58 -2.63
C GLN A 164 4.67 38.95 -1.25
N GLU A 165 3.51 38.70 -0.63
CA GLU A 165 3.49 38.11 0.70
C GLU A 165 4.11 36.72 0.68
N PHE A 166 3.69 35.89 -0.27
CA PHE A 166 4.26 34.54 -0.37
C PHE A 166 5.73 34.61 -0.75
N GLY A 167 6.13 35.59 -1.55
CA GLY A 167 7.53 35.72 -1.91
C GLY A 167 8.40 36.05 -0.71
N LYS A 168 7.93 36.93 0.16
CA LYS A 168 8.67 37.24 1.38
C LYS A 168 8.72 36.02 2.31
N LEU A 169 7.66 35.21 2.33
CA LEU A 169 7.67 34.01 3.17
C LEU A 169 8.71 33.02 2.70
N PHE A 170 8.71 32.72 1.39
CA PHE A 170 9.66 31.76 0.85
C PHE A 170 11.07 32.32 0.74
N SER A 171 11.25 33.63 0.90
CA SER A 171 12.58 34.21 0.78
C SER A 171 13.53 33.68 1.84
N LYS A 172 13.01 33.44 3.06
CA LYS A 172 13.87 32.91 4.12
C LYS A 172 14.37 31.51 3.77
N TYR A 173 13.59 30.75 3.00
CA TYR A 173 14.04 29.44 2.56
C TYR A 173 14.92 29.54 1.32
N LEU A 174 14.64 30.49 0.43
CA LEU A 174 15.47 30.68 -0.75
C LEU A 174 16.89 31.09 -0.37
N ALA A 175 17.06 31.74 0.77
CA ALA A 175 18.38 32.18 1.20
C ALA A 175 19.26 31.04 1.66
N ASP A 176 18.67 29.89 1.97
CA ASP A 176 19.42 28.72 2.43
C ASP A 176 20.17 28.09 1.26
N PRO A 177 21.49 27.92 1.33
CA PRO A 177 22.21 27.25 0.24
C PRO A 177 21.82 25.79 0.05
N SER A 178 21.27 25.13 1.07
CA SER A 178 20.83 23.75 0.95
C SER A 178 19.47 23.60 0.29
N ASN A 179 18.83 24.70 -0.10
CA ASN A 179 17.48 24.67 -0.65
C ASN A 179 17.48 24.96 -2.15
N LEU A 180 16.50 24.39 -2.84
CA LEU A 180 16.28 24.63 -4.26
C LEU A 180 14.80 24.88 -4.49
N PHE A 181 14.49 25.84 -5.36
CA PHE A 181 13.11 26.19 -5.70
C PHE A 181 12.88 25.88 -7.17
N VAL A 182 12.05 24.89 -7.45
CA VAL A 182 11.65 24.57 -8.82
C VAL A 182 10.34 25.30 -9.10
N VAL A 183 10.38 26.23 -10.05
CA VAL A 183 9.20 27.00 -10.45
C VAL A 183 8.71 26.43 -11.77
N SER A 184 7.49 25.89 -11.76
CA SER A 184 6.92 25.21 -12.91
C SER A 184 6.11 26.18 -13.77
N SER A 185 6.43 26.25 -15.05
CA SER A 185 5.69 27.12 -15.95
C SER A 185 6.01 26.78 -17.40
N ASP A 186 4.97 26.75 -18.23
CA ASP A 186 5.15 26.84 -19.67
C ASP A 186 5.05 28.31 -20.06
N PHE A 187 5.44 28.61 -21.29
CA PHE A 187 5.26 29.99 -21.75
C PHE A 187 4.11 30.05 -22.75
N CYS A 188 4.23 30.90 -23.77
CA CYS A 188 3.07 31.31 -24.56
C CYS A 188 2.29 30.11 -25.11
N HIS A 189 1.01 30.06 -24.77
CA HIS A 189 0.04 29.18 -25.42
C HIS A 189 -0.64 30.02 -26.48
N TRP A 190 -0.24 29.84 -27.73
CA TRP A 190 -0.75 30.64 -28.83
C TRP A 190 -1.68 29.79 -29.69
N GLY A 191 -2.76 30.39 -30.15
CA GLY A 191 -3.69 29.74 -31.05
C GLY A 191 -5.13 29.98 -30.64
N GLN A 192 -6.05 29.70 -31.56
CA GLN A 192 -7.47 29.86 -31.29
C GLN A 192 -7.93 28.94 -30.16
N ARG A 193 -7.34 27.74 -30.07
CA ARG A 193 -7.69 26.82 -28.99
C ARG A 193 -7.43 27.44 -27.62
N PHE A 194 -6.46 28.34 -27.51
CA PHE A 194 -6.18 29.04 -26.26
C PHE A 194 -6.81 30.42 -26.20
N ARG A 195 -7.55 30.82 -27.22
CA ARG A 195 -8.18 32.15 -27.27
C ARG A 195 -7.15 33.26 -27.09
N TYR A 196 -5.95 33.05 -27.63
CA TYR A 196 -4.88 34.03 -27.56
C TYR A 196 -4.16 34.02 -28.89
N SER A 197 -4.27 35.12 -29.64
CA SER A 197 -3.69 35.20 -30.98
C SER A 197 -2.96 36.52 -31.21
N TYR A 198 -2.41 37.10 -30.14
CA TYR A 198 -1.68 38.35 -30.29
C TYR A 198 -0.52 38.18 -31.26
N TYR A 199 -0.40 39.09 -32.22
CA TYR A 199 0.57 38.96 -33.30
C TYR A 199 1.10 40.33 -33.66
N ASP A 200 2.40 40.54 -33.51
CA ASP A 200 3.07 41.77 -33.93
C ASP A 200 3.72 41.50 -35.28
N GLU A 201 3.12 42.04 -36.35
CA GLU A 201 3.63 41.80 -37.70
C GLU A 201 5.01 42.40 -37.92
N SER A 202 5.41 43.39 -37.12
CA SER A 202 6.74 43.96 -37.27
C SER A 202 7.82 42.93 -36.96
N GLN A 203 7.50 41.93 -36.13
CA GLN A 203 8.43 40.86 -35.79
C GLN A 203 8.52 39.79 -36.87
N GLY A 204 7.76 39.90 -37.95
CA GLY A 204 7.82 38.95 -39.03
C GLY A 204 6.76 37.86 -38.89
N GLU A 205 7.18 36.61 -39.01
CA GLU A 205 6.26 35.49 -38.95
C GLU A 205 5.65 35.36 -37.56
N ILE A 206 4.56 34.58 -37.47
CA ILE A 206 3.85 34.44 -36.21
C ILE A 206 4.76 33.82 -35.14
N TYR A 207 5.49 32.77 -35.51
CA TYR A 207 6.35 32.12 -34.51
C TYR A 207 7.47 33.04 -34.06
N ARG A 208 7.91 33.96 -34.93
CA ARG A 208 8.87 34.96 -34.50
C ARG A 208 8.23 35.98 -33.57
N SER A 209 6.96 36.30 -33.78
CA SER A 209 6.25 37.19 -32.87
C SER A 209 6.04 36.51 -31.52
N ILE A 210 5.71 35.21 -31.52
CA ILE A 210 5.63 34.47 -30.26
C ILE A 210 6.97 34.46 -29.56
N GLU A 211 8.04 34.24 -30.32
CA GLU A 211 9.39 34.23 -29.73
C GLU A 211 9.73 35.58 -29.11
N HIS A 212 9.45 36.67 -29.83
CA HIS A 212 9.76 38.00 -29.30
C HIS A 212 8.93 38.29 -28.05
N LEU A 213 7.66 37.88 -28.04
CA LEU A 213 6.82 38.11 -26.88
C LEU A 213 7.33 37.34 -25.68
N ASP A 214 7.70 36.06 -25.88
CA ASP A 214 8.21 35.24 -24.78
C ASP A 214 9.51 35.80 -24.22
N LYS A 215 10.45 36.12 -25.11
CA LYS A 215 11.77 36.55 -24.66
C LYS A 215 11.73 37.93 -24.00
N MET A 216 10.69 38.73 -24.28
CA MET A 216 10.49 39.95 -23.50
C MET A 216 10.21 39.63 -22.05
N GLY A 217 9.34 38.65 -21.79
CA GLY A 217 9.10 38.25 -20.41
C GLY A 217 10.28 37.53 -19.80
N MET A 218 11.01 36.76 -20.62
CA MET A 218 12.20 36.09 -20.11
C MET A 218 13.27 37.10 -19.70
N SER A 219 13.44 38.17 -20.48
CA SER A 219 14.43 39.18 -20.13
C SER A 219 14.07 39.88 -18.84
N ILE A 220 12.78 40.16 -18.63
CA ILE A 220 12.35 40.81 -17.39
C ILE A 220 12.66 39.91 -16.20
N ILE A 221 12.44 38.60 -16.36
CA ILE A 221 12.81 37.67 -15.30
C ILE A 221 14.31 37.72 -15.04
N GLU A 222 15.09 37.85 -16.11
CA GLU A 222 16.54 37.98 -15.96
C GLU A 222 16.92 39.31 -15.30
N GLN A 223 16.02 40.29 -15.30
CA GLN A 223 16.23 41.52 -14.55
C GLN A 223 15.70 41.43 -13.13
N LEU A 224 15.12 40.29 -12.74
CA LEU A 224 14.67 40.07 -11.37
C LEU A 224 13.72 41.17 -10.91
N ASP A 225 12.82 41.58 -11.80
CA ASP A 225 11.93 42.72 -11.55
C ASP A 225 10.48 42.24 -11.50
N PRO A 226 9.92 42.00 -10.30
CA PRO A 226 8.53 41.54 -10.24
C PRO A 226 7.53 42.59 -10.68
N VAL A 227 7.82 43.88 -10.49
CA VAL A 227 6.88 44.91 -10.91
C VAL A 227 6.84 45.00 -12.44
N SER A 228 8.01 44.96 -13.09
CA SER A 228 8.04 44.98 -14.54
C SER A 228 7.39 43.74 -15.13
N PHE A 229 7.58 42.60 -14.48
CA PHE A 229 6.92 41.36 -14.94
C PHE A 229 5.41 41.48 -14.83
N SER A 230 4.93 42.07 -13.73
CA SER A 230 3.50 42.29 -13.57
C SER A 230 2.95 43.20 -14.66
N ASN A 231 3.66 44.29 -14.94
CA ASN A 231 3.23 45.22 -15.98
C ASN A 231 3.24 44.56 -17.36
N TYR A 232 4.27 43.75 -17.63
CA TYR A 232 4.36 43.08 -18.92
C TYR A 232 3.17 42.13 -19.13
N LEU A 233 2.74 41.45 -18.06
CA LEU A 233 1.55 40.61 -18.17
C LEU A 233 0.30 41.46 -18.35
N LYS A 234 0.24 42.63 -17.70
CA LYS A 234 -0.91 43.51 -17.86
C LYS A 234 -0.94 44.16 -19.23
N LYS A 235 0.20 44.23 -19.92
CA LYS A 235 0.28 44.91 -21.21
C LYS A 235 -0.02 43.97 -22.38
N TYR A 236 0.50 42.75 -22.35
CA TYR A 236 0.36 41.82 -23.47
C TYR A 236 -0.43 40.57 -23.14
N HIS A 237 -0.63 40.26 -21.86
CA HIS A 237 -1.44 39.11 -21.43
C HIS A 237 -0.94 37.81 -22.04
N ASN A 238 0.39 37.67 -22.14
CA ASN A 238 0.98 36.42 -22.58
C ASN A 238 0.48 35.28 -21.70
N THR A 239 0.08 34.17 -22.35
CA THR A 239 -0.53 33.04 -21.65
C THR A 239 0.54 32.16 -20.98
N ILE A 240 1.23 32.76 -20.02
CA ILE A 240 2.21 32.05 -19.20
C ILE A 240 1.45 31.48 -18.00
N CYS A 241 1.29 30.16 -17.98
CA CYS A 241 0.40 29.55 -16.99
C CYS A 241 1.00 29.53 -15.60
N GLY A 242 2.33 29.53 -15.49
CA GLY A 242 2.96 29.56 -14.19
C GLY A 242 3.43 30.94 -13.78
N ARG A 243 2.72 31.98 -14.22
CA ARG A 243 3.15 33.35 -13.92
C ARG A 243 3.09 33.65 -12.43
N HIS A 244 2.15 33.04 -11.70
CA HIS A 244 2.06 33.29 -10.25
C HIS A 244 3.25 32.68 -9.50
N PRO A 245 3.64 31.42 -9.73
CA PRO A 245 4.88 30.95 -9.12
C PRO A 245 6.09 31.80 -9.50
N ILE A 246 6.13 32.31 -10.73
CA ILE A 246 7.23 33.16 -11.15
C ILE A 246 7.21 34.47 -10.37
N GLY A 247 6.03 35.08 -10.26
CA GLY A 247 5.93 36.30 -9.48
C GLY A 247 6.28 36.11 -8.02
N VAL A 248 5.98 34.93 -7.47
CA VAL A 248 6.37 34.63 -6.09
C VAL A 248 7.88 34.54 -5.97
N LEU A 249 8.54 33.87 -6.91
CA LEU A 249 9.99 33.77 -6.89
C LEU A 249 10.64 35.13 -7.07
N LEU A 250 10.12 35.94 -7.99
CA LEU A 250 10.71 37.26 -8.25
C LEU A 250 10.65 38.13 -7.01
N ASN A 251 9.55 38.06 -6.26
CA ASN A 251 9.46 38.85 -5.02
C ASN A 251 10.38 38.28 -3.95
N ALA A 252 10.58 36.96 -3.93
CA ALA A 252 11.52 36.37 -2.99
C ALA A 252 12.94 36.85 -3.27
N ILE A 253 13.28 37.01 -4.55
CA ILE A 253 14.62 37.48 -4.90
C ILE A 253 14.82 38.93 -4.46
N THR A 254 13.82 39.79 -4.68
CA THR A 254 13.96 41.19 -4.30
C THR A 254 14.04 41.36 -2.79
N GLU A 255 13.35 40.50 -2.03
CA GLU A 255 13.48 40.54 -0.59
C GLU A 255 14.89 40.15 -0.14
N LEU A 256 15.53 39.22 -0.85
CA LEU A 256 16.90 38.86 -0.55
C LEU A 256 17.88 39.95 -0.98
N GLN A 257 17.58 40.64 -2.08
CA GLN A 257 18.44 41.75 -2.51
C GLN A 257 18.43 42.88 -1.50
N LYS A 258 17.27 43.12 -0.89
CA LYS A 258 17.16 44.14 0.15
C LYS A 258 18.03 43.80 1.36
N ASN A 259 18.42 42.53 1.52
CA ASN A 259 19.21 42.09 2.65
C ASN A 259 20.68 41.84 2.30
N GLY A 260 21.15 42.33 1.16
CA GLY A 260 22.55 42.30 0.80
C GLY A 260 22.95 41.22 -0.18
N MET A 261 22.10 40.22 -0.40
CA MET A 261 22.45 39.11 -1.28
C MET A 261 22.42 39.52 -2.74
N ASN A 262 23.36 38.97 -3.50
CA ASN A 262 23.46 39.30 -4.95
C ASN A 262 23.20 38.04 -5.76
N MET A 263 22.31 38.11 -6.75
CA MET A 263 21.95 36.90 -7.50
C MET A 263 21.88 37.20 -9.00
N SER A 264 21.85 36.14 -9.80
CA SER A 264 21.76 36.28 -11.26
C SER A 264 20.90 35.16 -11.85
N PHE A 265 19.83 35.51 -12.55
CA PHE A 265 19.04 34.51 -13.26
C PHE A 265 19.33 34.56 -14.75
N SER A 266 19.48 33.38 -15.36
CA SER A 266 19.80 33.26 -16.77
C SER A 266 18.96 32.13 -17.37
N PHE A 267 18.29 32.43 -18.48
CA PHE A 267 17.58 31.40 -19.23
C PHE A 267 18.54 30.67 -20.16
N LEU A 268 18.38 29.36 -20.27
CA LEU A 268 19.36 28.53 -20.95
C LEU A 268 18.82 27.81 -22.18
N ASN A 269 17.51 27.76 -22.39
CA ASN A 269 16.96 27.09 -23.55
C ASN A 269 15.53 27.56 -23.78
N TYR A 270 15.21 27.90 -25.02
CA TYR A 270 13.86 28.26 -25.43
C TYR A 270 13.43 27.35 -26.56
N ALA A 271 12.16 26.96 -26.56
CA ALA A 271 11.65 26.06 -27.59
C ALA A 271 10.15 26.22 -27.70
N GLN A 272 9.63 25.85 -28.88
CA GLN A 272 8.20 25.89 -29.15
C GLN A 272 7.78 24.52 -29.65
N SER A 273 6.60 24.07 -29.21
CA SER A 273 6.09 22.78 -29.64
C SER A 273 5.95 22.70 -31.15
N SER A 274 5.62 23.82 -31.80
CA SER A 274 5.57 23.90 -33.25
C SER A 274 5.78 25.36 -33.64
N GLN A 275 5.97 25.58 -34.94
CA GLN A 275 6.18 26.92 -35.49
C GLN A 275 4.91 27.37 -36.22
N CYS A 276 4.18 28.29 -35.60
CA CYS A 276 2.94 28.79 -36.18
C CYS A 276 3.23 29.73 -37.35
N ARG A 277 2.50 29.55 -38.44
CA ARG A 277 2.68 30.37 -39.63
C ARG A 277 1.38 31.03 -40.08
N ASN A 278 0.25 30.41 -39.78
CA ASN A 278 -1.06 30.97 -40.14
C ASN A 278 -1.96 30.97 -38.91
N TRP A 279 -3.15 31.54 -39.08
CA TRP A 279 -4.06 31.78 -37.96
C TRP A 279 -4.70 30.51 -37.44
N GLN A 280 -4.66 29.43 -38.20
CA GLN A 280 -5.22 28.16 -37.75
C GLN A 280 -4.22 27.31 -36.99
N ASP A 281 -3.00 27.79 -36.81
CA ASP A 281 -1.96 27.08 -36.11
C ASP A 281 -2.00 27.39 -34.61
N SER A 282 -1.34 26.54 -33.84
CA SER A 282 -1.24 26.71 -32.40
C SER A 282 0.07 26.09 -31.92
N SER A 283 0.60 26.64 -30.83
CA SER A 283 1.87 26.15 -30.28
C SER A 283 1.97 26.53 -28.81
N VAL A 284 2.82 25.80 -28.10
CA VAL A 284 3.14 26.07 -26.70
C VAL A 284 4.65 26.24 -26.59
N SER A 285 5.08 27.29 -25.89
CA SER A 285 6.48 27.60 -25.74
C SER A 285 7.01 27.09 -24.39
N TYR A 286 8.28 26.69 -24.39
CA TYR A 286 8.94 26.16 -23.21
C TYR A 286 10.26 26.88 -23.00
N ALA A 287 10.54 27.25 -21.75
CA ALA A 287 11.77 27.96 -21.42
C ALA A 287 12.35 27.39 -20.13
N ALA A 288 13.66 27.13 -20.14
CA ALA A 288 14.36 26.60 -18.98
C ALA A 288 15.44 27.57 -18.55
N GLY A 289 15.44 27.92 -17.26
CA GLY A 289 16.38 28.89 -16.75
C GLY A 289 16.84 28.51 -15.35
N ALA A 290 17.88 29.21 -14.88
CA ALA A 290 18.49 28.91 -13.61
C ALA A 290 18.82 30.18 -12.86
N LEU A 291 18.70 30.12 -11.54
CA LEU A 291 19.07 31.20 -10.64
C LEU A 291 20.29 30.79 -9.84
N THR A 292 21.31 31.64 -9.83
CA THR A 292 22.54 31.39 -9.09
C THR A 292 22.78 32.52 -8.09
N VAL A 293 23.23 32.14 -6.89
CA VAL A 293 23.51 33.08 -5.81
C VAL A 293 25.01 33.34 -5.75
N HIS A 294 25.38 34.60 -5.58
CA HIS A 294 26.78 34.99 -5.47
C HIS A 294 27.05 35.75 -4.18
N VAL B 3 5.10 -2.36 2.68
CA VAL B 3 5.50 -0.96 2.77
C VAL B 3 5.85 -0.60 4.21
N CYS B 4 4.91 -0.86 5.12
CA CYS B 4 5.05 -0.51 6.53
C CYS B 4 5.04 -1.77 7.37
N ARG B 5 5.93 -1.83 8.35
CA ARG B 5 5.86 -2.85 9.39
C ARG B 5 4.94 -2.36 10.49
N GLU B 6 3.84 -3.08 10.70
CA GLU B 6 2.87 -2.69 11.72
C GLU B 6 3.43 -2.89 13.12
N ALA B 7 2.97 -2.06 14.04
CA ALA B 7 3.26 -2.22 15.47
C ALA B 7 2.45 -3.41 15.97
N SER B 8 2.92 -4.61 15.62
CA SER B 8 2.14 -5.82 15.81
C SER B 8 1.94 -6.18 17.28
N HIS B 9 2.78 -5.68 18.17
CA HIS B 9 2.67 -6.01 19.59
C HIS B 9 2.16 -4.83 20.42
N ALA B 10 1.66 -3.78 19.77
CA ALA B 10 1.02 -2.69 20.51
C ALA B 10 -0.33 -3.17 21.02
N GLY B 11 -0.65 -2.79 22.26
CA GLY B 11 -1.86 -3.27 22.90
C GLY B 11 -1.59 -4.45 23.80
N SER B 12 -0.66 -5.32 23.40
CA SER B 12 -0.29 -6.49 24.18
C SER B 12 0.95 -6.24 25.04
N TRP B 13 2.09 -5.98 24.40
CA TRP B 13 3.34 -5.76 25.11
C TRP B 13 3.49 -4.31 25.59
N TYR B 14 2.74 -3.39 25.02
CA TYR B 14 2.73 -2.00 25.45
C TYR B 14 1.44 -1.36 24.96
N THR B 15 1.05 -0.27 25.61
CA THR B 15 -0.21 0.37 25.29
C THR B 15 -0.21 0.85 23.85
N ALA B 16 -1.28 0.51 23.11
CA ALA B 16 -1.40 0.91 21.72
C ALA B 16 -1.76 2.38 21.55
N SER B 17 -2.16 3.06 22.63
CA SER B 17 -2.53 4.47 22.56
C SER B 17 -1.26 5.32 22.66
N GLY B 18 -1.02 6.14 21.65
CA GLY B 18 0.15 6.98 21.59
C GLY B 18 0.27 7.89 22.80
N PRO B 19 -0.73 8.72 23.04
CA PRO B 19 -0.73 9.55 24.26
C PRO B 19 -0.49 8.76 25.53
N GLN B 20 -1.16 7.60 25.68
CA GLN B 20 -0.94 6.78 26.87
C GLN B 20 0.46 6.22 26.91
N LEU B 21 0.95 5.71 25.77
CA LEU B 21 2.32 5.19 25.71
C LEU B 21 3.34 6.31 25.94
N ASN B 22 3.10 7.49 25.36
CA ASN B 22 4.01 8.61 25.52
C ASN B 22 4.20 8.97 26.99
N ALA B 23 3.12 8.95 27.78
CA ALA B 23 3.21 9.37 29.18
C ALA B 23 4.07 8.41 30.00
N GLN B 24 3.97 7.11 29.75
CA GLN B 24 4.75 6.15 30.52
C GLN B 24 6.24 6.35 30.30
N LEU B 25 6.65 6.41 29.02
CA LEU B 25 8.05 6.66 28.70
C LEU B 25 8.51 8.00 29.27
N GLU B 26 7.62 9.00 29.25
CA GLU B 26 7.93 10.30 29.85
C GLU B 26 8.33 10.14 31.32
N GLY B 27 7.50 9.43 32.09
CA GLY B 27 7.76 9.28 33.51
C GLY B 27 8.97 8.44 33.84
N TRP B 28 9.14 7.31 33.13
CA TRP B 28 10.28 6.45 33.39
C TRP B 28 11.59 7.17 33.12
N LEU B 29 11.64 7.98 32.05
CA LEU B 29 12.84 8.74 31.76
C LEU B 29 13.02 9.90 32.71
N SER B 30 11.94 10.34 33.38
CA SER B 30 12.05 11.45 34.32
C SER B 30 12.82 11.04 35.57
N GLN B 31 12.71 9.77 35.97
CA GLN B 31 13.34 9.29 37.19
C GLN B 31 14.79 8.86 36.99
N VAL B 32 15.36 9.12 35.82
CA VAL B 32 16.72 8.71 35.51
C VAL B 32 17.58 9.94 35.24
N GLN B 33 18.76 9.99 35.84
CA GLN B 33 19.72 11.07 35.61
C GLN B 33 20.75 10.61 34.60
N SER B 34 20.98 11.44 33.59
CA SER B 34 21.95 11.11 32.54
C SER B 34 23.36 11.18 33.08
N THR B 35 24.12 10.09 32.91
CA THR B 35 25.49 10.02 33.41
C THR B 35 26.50 9.49 32.40
N LYS B 36 26.07 8.90 31.28
CA LYS B 36 26.99 8.30 30.32
C LYS B 36 26.77 8.83 28.91
N ARG B 37 26.23 10.05 28.80
CA ARG B 37 26.03 10.65 27.48
C ARG B 37 27.36 11.05 26.87
N PRO B 38 27.55 10.87 25.54
CA PRO B 38 26.59 10.25 24.63
C PRO B 38 26.83 8.75 24.44
N ALA B 39 25.79 7.95 24.60
CA ALA B 39 25.95 6.51 24.47
C ALA B 39 26.22 6.13 23.02
N ARG B 40 27.30 5.38 22.80
CA ARG B 40 27.55 4.82 21.48
C ARG B 40 26.81 3.51 21.28
N ALA B 41 26.61 2.75 22.35
CA ALA B 41 25.81 1.54 22.31
C ALA B 41 25.10 1.40 23.64
N ILE B 42 23.99 0.66 23.63
CA ILE B 42 23.24 0.37 24.84
C ILE B 42 22.78 -1.08 24.81
N ILE B 43 22.58 -1.65 26.00
CA ILE B 43 21.94 -2.93 26.19
C ILE B 43 20.66 -2.69 26.96
N ALA B 44 19.54 -3.16 26.43
CA ALA B 44 18.25 -2.88 27.03
C ALA B 44 17.35 -4.10 26.92
N PRO B 45 16.43 -4.32 27.90
CA PRO B 45 15.47 -5.40 27.81
C PRO B 45 14.38 -5.28 26.74
N HIS B 46 13.83 -6.43 26.33
CA HIS B 46 12.75 -6.46 25.32
C HIS B 46 11.55 -7.17 25.89
N ALA B 47 11.32 -7.02 27.18
CA ALA B 47 10.11 -7.61 27.77
C ALA B 47 8.98 -6.60 27.65
N GLY B 48 7.83 -6.92 28.23
CA GLY B 48 6.74 -5.97 28.22
C GLY B 48 7.08 -4.73 29.03
N TYR B 49 6.58 -3.58 28.57
CA TYR B 49 6.90 -2.32 29.23
C TYR B 49 6.41 -2.31 30.68
N THR B 50 5.34 -3.04 30.98
CA THR B 50 4.84 -3.12 32.35
C THR B 50 5.83 -3.81 33.29
N TYR B 51 6.75 -4.61 32.75
CA TYR B 51 7.75 -5.31 33.55
C TYR B 51 9.10 -4.61 33.55
N CYS B 52 9.59 -4.20 32.38
CA CYS B 52 10.95 -3.69 32.25
C CYS B 52 11.02 -2.25 31.79
N GLY B 53 9.89 -1.53 31.80
CA GLY B 53 9.88 -0.17 31.29
C GLY B 53 10.78 0.76 32.08
N SER B 54 10.67 0.72 33.41
CA SER B 54 11.51 1.58 34.25
C SER B 54 12.98 1.21 34.14
N CYS B 55 13.30 -0.05 33.88
CA CYS B 55 14.70 -0.45 33.74
C CYS B 55 15.28 0.08 32.43
N ALA B 56 14.56 -0.10 31.32
CA ALA B 56 15.06 0.33 30.02
C ALA B 56 15.27 1.84 29.96
N ALA B 57 14.54 2.60 30.76
CA ALA B 57 14.71 4.06 30.76
C ALA B 57 16.10 4.47 31.20
N HIS B 58 16.76 3.65 32.03
CA HIS B 58 18.12 3.98 32.46
C HIS B 58 19.10 3.94 31.30
N ALA B 59 18.81 3.17 30.26
CA ALA B 59 19.67 3.12 29.08
C ALA B 59 19.34 4.21 28.08
N TYR B 60 18.06 4.46 27.83
CA TYR B 60 17.68 5.43 26.81
C TYR B 60 17.92 6.88 27.26
N LYS B 61 18.00 7.12 28.57
CA LYS B 61 18.33 8.46 29.04
C LYS B 61 19.77 8.83 28.71
N GLN B 62 20.61 7.85 28.39
CA GLN B 62 22.01 8.10 28.04
C GLN B 62 22.19 8.43 26.56
N VAL B 63 21.12 8.34 25.77
CA VAL B 63 21.19 8.69 24.36
C VAL B 63 21.15 10.20 24.20
N ASP B 64 22.09 10.75 23.43
CA ASP B 64 22.12 12.18 23.16
C ASP B 64 21.49 12.45 21.79
N PRO B 65 20.28 13.00 21.72
CA PRO B 65 19.64 13.20 20.41
C PRO B 65 20.31 14.24 19.54
N SER B 66 21.14 15.12 20.10
CA SER B 66 21.85 16.11 19.30
C SER B 66 23.09 15.54 18.60
N ILE B 67 23.47 14.31 18.90
CA ILE B 67 24.66 13.67 18.33
C ILE B 67 24.28 12.48 17.46
N THR B 68 23.44 11.60 17.98
CA THR B 68 23.10 10.35 17.30
C THR B 68 22.19 10.58 16.10
N ARG B 69 22.49 9.88 15.01
CA ARG B 69 21.77 10.03 13.76
C ARG B 69 21.26 8.74 13.15
N ARG B 70 21.89 7.60 13.44
CA ARG B 70 21.51 6.33 12.89
C ARG B 70 21.55 5.33 14.03
N ILE B 71 20.45 4.60 14.23
CA ILE B 71 20.28 3.75 15.39
C ILE B 71 20.14 2.32 14.90
N PHE B 72 21.18 1.52 15.11
CA PHE B 72 21.11 0.09 14.86
C PHE B 72 20.42 -0.58 16.04
N ILE B 73 19.44 -1.44 15.74
CA ILE B 73 18.74 -2.21 16.76
C ILE B 73 18.95 -3.69 16.46
N LEU B 74 19.71 -4.37 17.31
CA LEU B 74 20.05 -5.78 17.14
C LEU B 74 19.27 -6.60 18.15
N GLY B 75 18.33 -7.40 17.66
CA GLY B 75 17.53 -8.24 18.53
C GLY B 75 17.60 -9.70 18.13
N PRO B 76 17.53 -10.59 19.11
CA PRO B 76 17.56 -12.03 18.82
C PRO B 76 16.25 -12.54 18.27
N SER B 77 16.36 -13.55 17.41
CA SER B 77 15.18 -14.19 16.83
C SER B 77 14.62 -15.23 17.80
N HIS B 78 13.29 -15.23 17.94
CA HIS B 78 12.60 -16.13 18.84
C HIS B 78 11.74 -17.18 18.14
N HIS B 79 11.42 -16.96 16.85
CA HIS B 79 10.49 -17.83 16.15
C HIS B 79 11.04 -18.44 14.87
N VAL B 80 12.11 -17.88 14.30
CA VAL B 80 12.57 -18.31 12.97
C VAL B 80 13.95 -18.94 13.07
N PRO B 81 14.19 -20.06 12.40
CA PRO B 81 15.54 -20.64 12.37
C PRO B 81 16.46 -19.74 11.55
N LEU B 82 17.47 -19.20 12.21
CA LEU B 82 18.38 -18.24 11.58
C LEU B 82 19.79 -18.54 12.07
N SER B 83 20.67 -18.89 11.14
CA SER B 83 22.08 -19.10 11.44
C SER B 83 22.92 -17.87 11.13
N ARG B 84 22.31 -16.83 10.55
CA ARG B 84 23.00 -15.59 10.24
C ARG B 84 22.24 -14.41 10.85
N CYS B 85 22.28 -13.27 10.17
CA CYS B 85 21.50 -12.10 10.52
C CYS B 85 20.54 -11.79 9.38
N ALA B 86 19.42 -11.15 9.71
CA ALA B 86 18.38 -10.87 8.74
C ALA B 86 18.05 -9.38 8.73
N LEU B 87 17.75 -8.85 7.54
CA LEU B 87 17.34 -7.47 7.36
C LEU B 87 15.88 -7.40 6.93
N SER B 88 15.24 -6.28 7.26
CA SER B 88 13.83 -6.11 6.95
C SER B 88 13.62 -5.91 5.44
N SER B 89 12.40 -6.22 5.00
CA SER B 89 12.01 -6.04 3.61
C SER B 89 11.18 -4.79 3.37
N VAL B 90 10.75 -4.11 4.44
CA VAL B 90 10.00 -2.87 4.30
C VAL B 90 10.95 -1.69 4.49
N ASP B 91 10.39 -0.48 4.49
CA ASP B 91 11.16 0.73 4.66
C ASP B 91 10.77 1.56 5.88
N ILE B 92 9.62 1.30 6.48
CA ILE B 92 9.13 2.09 7.60
C ILE B 92 8.66 1.15 8.71
N TYR B 93 9.05 1.47 9.94
CA TYR B 93 8.56 0.78 11.13
C TYR B 93 7.59 1.70 11.85
N ARG B 94 6.36 1.25 12.05
CA ARG B 94 5.35 2.06 12.69
C ARG B 94 5.41 1.89 14.21
N THR B 95 5.20 2.99 14.92
CA THR B 95 5.04 3.00 16.37
C THR B 95 3.88 3.90 16.71
N PRO B 96 3.24 3.69 17.86
CA PRO B 96 2.16 4.60 18.27
C PRO B 96 2.61 6.05 18.42
N LEU B 97 3.90 6.31 18.66
CA LEU B 97 4.38 7.68 18.76
C LEU B 97 4.48 8.30 17.37
N TYR B 98 5.50 7.89 16.59
CA TYR B 98 5.60 8.26 15.19
C TYR B 98 6.40 7.19 14.47
N ASP B 99 6.22 7.12 13.16
CA ASP B 99 6.83 6.07 12.36
C ASP B 99 8.31 6.33 12.14
N LEU B 100 9.09 5.26 12.06
CA LEU B 100 10.54 5.33 11.93
C LEU B 100 10.97 4.85 10.55
N ARG B 101 12.00 5.51 10.01
CA ARG B 101 12.51 5.25 8.67
C ARG B 101 13.74 4.35 8.72
N ILE B 102 13.80 3.38 7.82
CA ILE B 102 14.97 2.51 7.72
C ILE B 102 16.01 3.20 6.85
N ASP B 103 17.25 3.21 7.34
CA ASP B 103 18.36 3.82 6.60
C ASP B 103 18.66 2.97 5.36
N GLN B 104 18.24 3.44 4.19
CA GLN B 104 18.40 2.66 2.97
C GLN B 104 19.85 2.65 2.48
N LYS B 105 20.62 3.70 2.79
CA LYS B 105 22.02 3.71 2.39
C LYS B 105 22.81 2.62 3.10
N ILE B 106 22.66 2.51 4.42
CA ILE B 106 23.37 1.49 5.18
C ILE B 106 22.81 0.10 4.87
N TYR B 107 21.49 0.01 4.67
CA TYR B 107 20.88 -1.27 4.35
C TYR B 107 21.44 -1.85 3.05
N GLY B 108 21.68 -0.99 2.06
CA GLY B 108 22.31 -1.45 0.84
C GLY B 108 23.75 -1.86 1.05
N GLU B 109 24.46 -1.14 1.91
CA GLU B 109 25.84 -1.51 2.23
C GLU B 109 25.89 -2.86 2.93
N LEU B 110 25.00 -3.09 3.89
CA LEU B 110 24.98 -4.36 4.60
C LEU B 110 24.59 -5.51 3.69
N TRP B 111 23.61 -5.29 2.80
CA TRP B 111 23.16 -6.36 1.93
C TRP B 111 24.23 -6.77 0.94
N LYS B 112 25.03 -5.82 0.46
CA LYS B 112 26.06 -6.12 -0.52
C LYS B 112 27.20 -6.96 0.05
N THR B 113 27.24 -7.16 1.37
CA THR B 113 28.23 -8.04 1.97
C THR B 113 27.90 -9.51 1.76
N GLY B 114 26.64 -9.83 1.49
CA GLY B 114 26.23 -11.21 1.32
C GLY B 114 26.12 -12.01 2.59
N MET B 115 26.31 -11.38 3.75
CA MET B 115 26.24 -12.07 5.04
C MET B 115 24.86 -12.02 5.67
N PHE B 116 23.94 -11.24 5.11
CA PHE B 116 22.63 -11.05 5.69
C PHE B 116 21.57 -11.79 4.86
N GLU B 117 20.50 -12.18 5.52
CA GLU B 117 19.34 -12.76 4.87
C GLU B 117 18.20 -11.75 4.87
N ARG B 118 17.20 -12.01 4.04
CA ARG B 118 16.02 -11.16 3.95
C ARG B 118 14.88 -11.84 4.71
N MET B 119 14.44 -11.22 5.79
CA MET B 119 13.37 -11.75 6.60
C MET B 119 12.02 -11.23 6.12
N SER B 120 11.03 -12.12 6.07
CA SER B 120 9.73 -11.78 5.53
C SER B 120 9.00 -10.80 6.45
N LEU B 121 7.94 -10.20 5.91
CA LEU B 121 7.11 -9.28 6.69
C LEU B 121 6.44 -10.02 7.85
N GLN B 122 5.96 -11.24 7.61
CA GLN B 122 5.35 -12.02 8.68
C GLN B 122 6.34 -12.25 9.81
N THR B 123 7.58 -12.61 9.47
CA THR B 123 8.64 -12.71 10.48
C THR B 123 8.84 -11.38 11.19
N ASP B 124 8.79 -10.27 10.45
CA ASP B 124 9.02 -8.95 11.03
C ASP B 124 8.00 -8.65 12.12
N GLU B 125 6.71 -8.77 11.79
CA GLU B 125 5.69 -8.44 12.78
C GLU B 125 5.60 -9.52 13.86
N ASP B 126 6.00 -10.75 13.55
CA ASP B 126 5.95 -11.82 14.54
C ASP B 126 7.02 -11.63 15.60
N GLU B 127 8.22 -11.21 15.21
CA GLU B 127 9.29 -11.00 16.17
C GLU B 127 9.02 -9.76 17.02
N HIS B 128 9.49 -9.80 18.27
CA HIS B 128 9.31 -8.68 19.19
C HIS B 128 10.59 -8.10 19.75
N SER B 129 11.74 -8.77 19.59
CA SER B 129 12.95 -8.31 20.24
C SER B 129 13.44 -6.97 19.68
N ILE B 130 13.12 -6.68 18.43
CA ILE B 130 13.45 -5.38 17.84
C ILE B 130 12.35 -4.35 18.13
N GLU B 131 11.09 -4.76 18.01
CA GLU B 131 9.98 -3.83 18.11
C GLU B 131 9.93 -3.15 19.46
N MET B 132 10.28 -3.89 20.53
CA MET B 132 10.19 -3.33 21.89
C MET B 132 11.08 -2.11 22.07
N HIS B 133 12.01 -1.87 21.16
CA HIS B 133 12.91 -0.72 21.24
C HIS B 133 12.49 0.43 20.33
N LEU B 134 11.48 0.22 19.48
CA LEU B 134 11.05 1.30 18.59
C LEU B 134 10.39 2.45 19.36
N PRO B 135 9.43 2.23 20.27
CA PRO B 135 8.86 3.38 20.99
C PRO B 135 9.88 4.14 21.82
N TYR B 136 10.78 3.43 22.50
CA TYR B 136 11.81 4.11 23.30
C TYR B 136 12.75 4.92 22.41
N THR B 137 13.11 4.39 21.25
CA THR B 137 13.95 5.13 20.31
C THR B 137 13.26 6.42 19.87
N ALA B 138 11.99 6.32 19.48
CA ALA B 138 11.26 7.51 19.03
C ALA B 138 11.12 8.54 20.16
N LYS B 139 10.94 8.07 21.39
CA LYS B 139 10.77 8.99 22.51
C LYS B 139 12.07 9.75 22.82
N ALA B 140 13.19 9.03 22.89
CA ALA B 140 14.46 9.66 23.24
C ALA B 140 14.98 10.56 22.13
N MET B 141 14.49 10.40 20.90
CA MET B 141 14.97 11.17 19.76
C MET B 141 13.92 12.14 19.22
N GLU B 142 12.83 12.37 19.96
CA GLU B 142 11.76 13.20 19.45
C GLU B 142 12.17 14.65 19.25
N SER B 143 13.21 15.12 19.95
CA SER B 143 13.70 16.47 19.73
C SER B 143 14.32 16.62 18.35
N HIS B 144 14.83 15.54 17.78
CA HIS B 144 15.36 15.54 16.43
C HIS B 144 14.66 14.47 15.60
N LYS B 145 13.32 14.46 15.63
CA LYS B 145 12.51 13.40 15.07
C LYS B 145 12.68 13.24 13.56
N ASP B 146 12.98 14.33 12.85
CA ASP B 146 12.98 14.22 11.38
C ASP B 146 14.39 14.04 10.85
N GLU B 147 15.36 13.80 11.73
CA GLU B 147 16.75 13.73 11.21
C GLU B 147 17.42 12.40 11.58
N PHE B 148 16.61 11.37 11.88
CA PHE B 148 17.20 10.07 12.26
C PHE B 148 16.57 8.88 11.53
N THR B 149 17.35 7.82 11.37
CA THR B 149 16.92 6.57 10.75
C THR B 149 17.26 5.42 11.70
N ILE B 150 16.73 4.25 11.42
CA ILE B 150 16.99 3.06 12.23
C ILE B 150 17.48 1.96 11.30
N ILE B 151 18.27 1.05 11.86
CA ILE B 151 18.79 -0.08 11.10
C ILE B 151 18.48 -1.35 11.88
N PRO B 152 17.32 -1.96 11.66
CA PRO B 152 16.96 -3.19 12.40
C PRO B 152 17.73 -4.38 11.86
N VAL B 153 18.28 -5.18 12.76
CA VAL B 153 19.05 -6.37 12.39
C VAL B 153 18.60 -7.51 13.30
N LEU B 154 17.94 -8.51 12.73
CA LEU B 154 17.56 -9.70 13.48
C LEU B 154 18.75 -10.65 13.54
N VAL B 155 19.15 -11.01 14.76
CA VAL B 155 20.33 -11.85 15.00
C VAL B 155 19.87 -13.25 15.35
N GLY B 156 20.38 -14.24 14.61
CA GLY B 156 20.03 -15.63 14.82
C GLY B 156 21.00 -16.33 15.75
N ALA B 157 20.97 -17.66 15.69
CA ALA B 157 21.83 -18.51 16.52
C ALA B 157 23.23 -18.50 15.92
N LEU B 158 23.99 -17.46 16.27
CA LEU B 158 25.29 -17.24 15.65
C LEU B 158 26.37 -18.09 16.32
N SER B 159 27.22 -18.68 15.48
CA SER B 159 28.41 -19.36 15.99
C SER B 159 29.41 -18.33 16.49
N GLU B 160 30.43 -18.81 17.22
CA GLU B 160 31.47 -17.92 17.72
C GLU B 160 32.18 -17.21 16.57
N SER B 161 32.46 -17.93 15.48
CA SER B 161 33.08 -17.31 14.33
C SER B 161 32.17 -16.27 13.69
N LYS B 162 30.86 -16.57 13.64
CA LYS B 162 29.92 -15.61 13.08
C LYS B 162 29.76 -14.39 13.97
N GLU B 163 29.86 -14.56 15.29
CA GLU B 163 29.83 -13.41 16.20
C GLU B 163 31.04 -12.52 15.97
N GLN B 164 32.19 -13.11 15.63
CA GLN B 164 33.38 -12.31 15.36
C GLN B 164 33.28 -11.62 14.01
N GLU B 165 32.80 -12.33 12.99
CA GLU B 165 32.68 -11.74 11.65
C GLU B 165 31.69 -10.57 11.67
N PHE B 166 30.51 -10.77 12.25
CA PHE B 166 29.54 -9.69 12.33
C PHE B 166 30.02 -8.55 13.23
N GLY B 167 30.77 -8.89 14.28
CA GLY B 167 31.31 -7.83 15.14
C GLY B 167 32.33 -6.97 14.45
N LYS B 168 33.21 -7.58 13.65
CA LYS B 168 34.18 -6.80 12.89
C LYS B 168 33.52 -5.95 11.82
N LEU B 169 32.44 -6.45 11.21
CA LEU B 169 31.73 -5.68 10.19
C LEU B 169 31.07 -4.45 10.80
N PHE B 170 30.35 -4.63 11.91
CA PHE B 170 29.65 -3.53 12.55
C PHE B 170 30.59 -2.59 13.28
N SER B 171 31.85 -2.98 13.50
CA SER B 171 32.79 -2.10 14.19
C SER B 171 33.01 -0.81 13.42
N LYS B 172 33.03 -0.88 12.09
CA LYS B 172 33.21 0.32 11.28
C LYS B 172 32.04 1.29 11.47
N TYR B 173 30.84 0.78 11.73
CA TYR B 173 29.71 1.64 12.02
C TYR B 173 29.68 2.07 13.47
N LEU B 174 30.12 1.20 14.39
CA LEU B 174 30.18 1.58 15.80
C LEU B 174 31.16 2.73 16.02
N ALA B 175 32.16 2.86 15.14
CA ALA B 175 33.15 3.93 15.26
C ALA B 175 32.58 5.29 14.88
N ASP B 176 31.45 5.32 14.18
CA ASP B 176 30.84 6.59 13.77
C ASP B 176 30.17 7.25 14.97
N PRO B 177 30.54 8.49 15.32
CA PRO B 177 29.86 9.16 16.44
C PRO B 177 28.38 9.43 16.17
N SER B 178 27.95 9.48 14.92
CA SER B 178 26.55 9.68 14.61
C SER B 178 25.73 8.40 14.72
N ASN B 179 26.36 7.28 15.08
CA ASN B 179 25.70 6.00 15.14
C ASN B 179 25.48 5.56 16.58
N LEU B 180 24.41 4.81 16.80
CA LEU B 180 24.07 4.22 18.08
C LEU B 180 23.65 2.78 17.85
N PHE B 181 24.09 1.89 18.73
CA PHE B 181 23.77 0.47 18.64
C PHE B 181 22.93 0.06 19.85
N VAL B 182 21.67 -0.29 19.60
CA VAL B 182 20.80 -0.83 20.64
C VAL B 182 20.90 -2.34 20.57
N VAL B 183 21.42 -2.95 21.63
CA VAL B 183 21.56 -4.40 21.73
C VAL B 183 20.45 -4.92 22.63
N SER B 184 19.57 -5.74 22.07
CA SER B 184 18.38 -6.22 22.76
C SER B 184 18.65 -7.54 23.46
N SER B 185 18.39 -7.58 24.76
CA SER B 185 18.58 -8.82 25.51
C SER B 185 17.88 -8.72 26.86
N ASP B 186 17.19 -9.78 27.24
CA ASP B 186 16.87 -10.01 28.64
C ASP B 186 17.99 -10.83 29.27
N PHE B 187 17.96 -10.91 30.59
CA PHE B 187 18.95 -11.76 31.25
C PHE B 187 18.27 -13.02 31.78
N CYS B 188 18.71 -13.51 32.93
CA CYS B 188 18.38 -14.86 33.37
C CYS B 188 16.88 -15.11 33.37
N HIS B 189 16.45 -16.13 32.61
CA HIS B 189 15.12 -16.70 32.71
C HIS B 189 15.23 -17.91 33.63
N TRP B 190 14.77 -17.75 34.87
CA TRP B 190 14.87 -18.78 35.89
C TRP B 190 13.51 -19.39 36.16
N GLY B 191 13.48 -20.70 36.35
CA GLY B 191 12.28 -21.41 36.71
C GLY B 191 12.13 -22.69 35.91
N GLN B 192 11.24 -23.57 36.39
CA GLN B 192 10.99 -24.83 35.69
C GLN B 192 10.39 -24.60 34.31
N ARG B 193 9.55 -23.56 34.16
CA ARG B 193 8.98 -23.25 32.85
C ARG B 193 10.04 -22.90 31.83
N PHE B 194 11.19 -22.38 32.27
CA PHE B 194 12.30 -22.07 31.38
C PHE B 194 13.33 -23.19 31.31
N ARG B 195 13.10 -24.29 32.04
CA ARG B 195 14.04 -25.42 32.10
C ARG B 195 15.43 -24.98 32.57
N TYR B 196 15.47 -23.98 33.46
CA TYR B 196 16.73 -23.48 34.00
C TYR B 196 16.51 -23.17 35.47
N SER B 197 17.16 -23.93 36.36
CA SER B 197 16.97 -23.78 37.79
C SER B 197 18.30 -23.81 38.54
N TYR B 198 19.38 -23.34 37.90
CA TYR B 198 20.68 -23.31 38.56
C TYR B 198 20.61 -22.45 39.81
N TYR B 199 21.17 -22.97 40.90
CA TYR B 199 21.07 -22.30 42.20
C TYR B 199 22.37 -22.52 42.97
N ASP B 200 23.03 -21.43 43.30
CA ASP B 200 24.23 -21.45 44.14
C ASP B 200 23.78 -21.09 45.56
N GLU B 201 23.71 -22.11 46.43
CA GLU B 201 23.22 -21.90 47.79
C GLU B 201 24.13 -21.01 48.62
N SER B 202 25.41 -20.89 48.24
CA SER B 202 26.31 -20.00 48.96
C SER B 202 25.88 -18.55 48.83
N GLN B 203 25.17 -18.21 47.76
CA GLN B 203 24.68 -16.85 47.55
C GLN B 203 23.44 -16.54 48.37
N GLY B 204 22.92 -17.48 49.14
CA GLY B 204 21.75 -17.23 49.97
C GLY B 204 20.47 -17.63 49.26
N GLU B 205 19.52 -16.70 49.21
CA GLU B 205 18.23 -16.98 48.60
C GLU B 205 18.38 -17.21 47.10
N ILE B 206 17.33 -17.77 46.49
CA ILE B 206 17.37 -18.09 45.07
C ILE B 206 17.55 -16.81 44.25
N TYR B 207 16.79 -15.76 44.58
CA TYR B 207 16.87 -14.52 43.83
C TYR B 207 18.24 -13.85 43.98
N ARG B 208 18.92 -14.05 45.12
CA ARG B 208 20.28 -13.56 45.25
C ARG B 208 21.25 -14.37 44.39
N SER B 209 21.01 -15.67 44.25
CA SER B 209 21.83 -16.49 43.35
C SER B 209 21.61 -16.10 41.90
N ILE B 210 20.36 -15.82 41.52
CA ILE B 210 20.09 -15.31 40.17
C ILE B 210 20.80 -13.97 39.98
N GLU B 211 20.72 -13.10 40.98
CA GLU B 211 21.37 -11.80 40.89
C GLU B 211 22.87 -11.95 40.74
N HIS B 212 23.49 -12.83 41.53
CA HIS B 212 24.93 -13.03 41.41
C HIS B 212 25.31 -13.59 40.05
N LEU B 213 24.51 -14.52 39.52
CA LEU B 213 24.81 -15.09 38.21
C LEU B 213 24.73 -14.02 37.13
N ASP B 214 23.70 -13.18 37.16
CA ASP B 214 23.56 -12.13 36.16
C ASP B 214 24.71 -11.14 36.23
N LYS B 215 25.05 -10.68 37.43
CA LYS B 215 26.09 -9.66 37.57
C LYS B 215 27.48 -10.21 37.25
N MET B 216 27.67 -11.53 37.31
CA MET B 216 28.91 -12.11 36.81
C MET B 216 29.07 -11.86 35.32
N GLY B 217 28.00 -12.09 34.55
CA GLY B 217 28.05 -11.80 33.13
C GLY B 217 28.06 -10.32 32.81
N MET B 218 27.35 -9.52 33.62
CA MET B 218 27.37 -8.08 33.41
C MET B 218 28.77 -7.51 33.64
N SER B 219 29.46 -8.00 34.67
CA SER B 219 30.81 -7.54 34.96
C SER B 219 31.76 -7.93 33.84
N ILE B 220 31.61 -9.13 33.28
CA ILE B 220 32.46 -9.55 32.16
C ILE B 220 32.22 -8.65 30.96
N ILE B 221 30.96 -8.28 30.72
CA ILE B 221 30.65 -7.35 29.63
C ILE B 221 31.32 -6.01 29.85
N GLU B 222 31.37 -5.56 31.11
CA GLU B 222 31.94 -4.24 31.39
C GLU B 222 33.45 -4.17 31.14
N GLN B 223 34.15 -5.30 31.12
CA GLN B 223 35.54 -5.29 30.65
C GLN B 223 35.66 -5.62 29.17
N LEU B 224 34.52 -5.75 28.46
CA LEU B 224 34.50 -5.89 27.01
C LEU B 224 35.33 -7.09 26.54
N ASP B 225 35.13 -8.23 27.20
CA ASP B 225 35.89 -9.45 26.95
C ASP B 225 34.97 -10.48 26.32
N PRO B 226 34.92 -10.59 24.99
CA PRO B 226 34.04 -11.59 24.36
C PRO B 226 34.46 -13.02 24.62
N VAL B 227 35.75 -13.29 24.80
CA VAL B 227 36.19 -14.65 25.07
C VAL B 227 35.75 -15.08 26.47
N SER B 228 35.87 -14.18 27.45
CA SER B 228 35.39 -14.49 28.79
C SER B 228 33.87 -14.64 28.82
N PHE B 229 33.16 -13.82 28.04
CA PHE B 229 31.70 -13.94 27.98
C PHE B 229 31.29 -15.29 27.38
N SER B 230 32.02 -15.73 26.35
CA SER B 230 31.76 -17.05 25.78
C SER B 230 32.01 -18.15 26.82
N ASN B 231 33.14 -18.06 27.54
CA ASN B 231 33.44 -19.06 28.55
C ASN B 231 32.43 -19.02 29.69
N TYR B 232 31.99 -17.82 30.08
CA TYR B 232 30.99 -17.71 31.13
C TYR B 232 29.68 -18.38 30.71
N LEU B 233 29.31 -18.24 29.44
CA LEU B 233 28.12 -18.93 28.93
C LEU B 233 28.33 -20.43 28.88
N LYS B 234 29.55 -20.87 28.56
CA LYS B 234 29.83 -22.31 28.51
C LYS B 234 29.91 -22.92 29.90
N LYS B 235 30.17 -22.11 30.93
CA LYS B 235 30.34 -22.63 32.29
C LYS B 235 29.02 -22.70 33.06
N TYR B 236 28.16 -21.70 32.92
CA TYR B 236 26.91 -21.64 33.69
C TYR B 236 25.65 -21.69 32.83
N HIS B 237 25.74 -21.44 31.52
CA HIS B 237 24.60 -21.54 30.59
C HIS B 237 23.45 -20.65 31.02
N ASN B 238 23.77 -19.47 31.56
CA ASN B 238 22.75 -18.50 31.91
C ASN B 238 21.84 -18.21 30.72
N THR B 239 20.53 -18.19 30.98
CA THR B 239 19.53 -18.06 29.92
C THR B 239 19.39 -16.58 29.49
N ILE B 240 20.47 -16.05 28.95
CA ILE B 240 20.51 -14.71 28.38
C ILE B 240 20.12 -14.82 26.91
N CYS B 241 18.92 -14.34 26.57
CA CYS B 241 18.37 -14.61 25.24
C CYS B 241 19.05 -13.78 24.16
N GLY B 242 19.61 -12.62 24.52
CA GLY B 242 20.31 -11.82 23.54
C GLY B 242 21.81 -11.97 23.58
N ARG B 243 22.29 -13.17 23.95
CA ARG B 243 23.73 -13.40 24.07
C ARG B 243 24.44 -13.25 22.73
N HIS B 244 23.78 -13.63 21.63
CA HIS B 244 24.43 -13.52 20.33
C HIS B 244 24.59 -12.06 19.90
N PRO B 245 23.58 -11.18 20.03
CA PRO B 245 23.85 -9.75 19.81
C PRO B 245 24.92 -9.19 20.74
N ILE B 246 24.96 -9.66 21.99
CA ILE B 246 25.95 -9.17 22.94
C ILE B 246 27.36 -9.57 22.50
N GLY B 247 27.53 -10.83 22.08
CA GLY B 247 28.82 -11.25 21.58
C GLY B 247 29.27 -10.48 20.34
N VAL B 248 28.32 -10.07 19.50
CA VAL B 248 28.66 -9.25 18.34
C VAL B 248 29.17 -7.87 18.78
N LEU B 249 28.48 -7.26 19.74
CA LEU B 249 28.91 -5.95 20.23
C LEU B 249 30.27 -6.04 20.91
N LEU B 250 30.48 -7.08 21.72
CA LEU B 250 31.76 -7.24 22.39
C LEU B 250 32.90 -7.42 21.40
N ASN B 251 32.65 -8.14 20.31
CA ASN B 251 33.68 -8.29 19.28
C ASN B 251 33.89 -6.99 18.52
N ALA B 252 32.81 -6.23 18.31
CA ALA B 252 32.94 -4.93 17.67
C ALA B 252 33.74 -3.96 18.52
N ILE B 253 33.58 -4.03 19.84
CA ILE B 253 34.34 -3.14 20.73
C ILE B 253 35.83 -3.48 20.69
N THR B 254 36.16 -4.76 20.73
CA THR B 254 37.57 -5.15 20.71
C THR B 254 38.23 -4.82 19.37
N GLU B 255 37.46 -4.88 18.27
CA GLU B 255 38.03 -4.47 16.98
C GLU B 255 38.32 -2.97 16.96
N LEU B 256 37.48 -2.16 17.62
CA LEU B 256 37.77 -0.74 17.74
C LEU B 256 38.87 -0.48 18.76
N GLN B 257 38.93 -1.27 19.82
CA GLN B 257 40.02 -1.13 20.80
C GLN B 257 41.36 -1.48 20.18
N LYS B 258 41.39 -2.48 19.30
CA LYS B 258 42.62 -2.85 18.61
C LYS B 258 43.17 -1.72 17.75
N ASN B 259 42.34 -0.73 17.41
CA ASN B 259 42.74 0.38 16.58
C ASN B 259 42.99 1.65 17.38
N GLY B 260 43.11 1.53 18.71
CA GLY B 260 43.49 2.66 19.54
C GLY B 260 42.36 3.30 20.30
N MET B 261 41.11 3.01 19.94
CA MET B 261 39.98 3.67 20.58
C MET B 261 39.79 3.15 21.99
N ASN B 262 39.47 4.08 22.90
CA ASN B 262 39.30 3.72 24.33
C ASN B 262 37.83 3.86 24.70
N MET B 263 37.18 2.75 25.04
CA MET B 263 35.73 2.79 25.33
C MET B 263 35.45 2.27 26.75
N SER B 264 34.30 2.65 27.30
CA SER B 264 33.90 2.17 28.64
C SER B 264 32.42 1.74 28.63
N PHE B 265 32.09 0.57 29.16
CA PHE B 265 30.71 0.14 29.31
C PHE B 265 30.35 0.07 30.79
N SER B 266 29.16 0.57 31.12
CA SER B 266 28.67 0.58 32.49
C SER B 266 27.20 0.18 32.52
N PHE B 267 26.88 -0.79 33.37
CA PHE B 267 25.49 -1.14 33.62
C PHE B 267 24.91 -0.21 34.66
N LEU B 268 23.67 0.23 34.43
CA LEU B 268 23.07 1.30 35.24
C LEU B 268 21.82 0.89 36.00
N ASN B 269 21.24 -0.27 35.70
CA ASN B 269 20.05 -0.71 36.41
C ASN B 269 19.86 -2.21 36.21
N TYR B 270 19.62 -2.92 37.30
CA TYR B 270 19.32 -4.35 37.29
C TYR B 270 17.97 -4.55 37.96
N ALA B 271 17.18 -5.49 37.44
CA ALA B 271 15.86 -5.74 38.01
C ALA B 271 15.43 -7.15 37.65
N GLN B 272 14.51 -7.67 38.46
CA GLN B 272 13.92 -8.99 38.24
C GLN B 272 12.41 -8.85 38.23
N SER B 273 11.76 -9.59 37.32
CA SER B 273 10.30 -9.55 37.24
C SER B 273 9.66 -9.96 38.56
N SER B 274 10.30 -10.86 39.30
CA SER B 274 9.86 -11.23 40.64
C SER B 274 11.07 -11.75 41.39
N GLN B 275 10.89 -11.96 42.69
CA GLN B 275 11.96 -12.45 43.56
C GLN B 275 11.67 -13.92 43.87
N CYS B 276 12.43 -14.81 43.24
CA CYS B 276 12.23 -16.25 43.44
C CYS B 276 12.77 -16.67 44.80
N ARG B 277 12.01 -17.47 45.53
CA ARG B 277 12.44 -17.94 46.84
C ARG B 277 12.35 -19.47 46.94
N ASN B 278 11.45 -20.09 46.18
CA ASN B 278 11.31 -21.54 46.19
C ASN B 278 11.35 -22.07 44.76
N TRP B 279 11.32 -23.39 44.63
CA TRP B 279 11.54 -24.04 43.33
C TRP B 279 10.36 -23.90 42.39
N GLN B 280 9.19 -23.53 42.88
CA GLN B 280 8.02 -23.33 42.02
C GLN B 280 7.92 -21.92 41.47
N ASP B 281 8.85 -21.04 41.84
CA ASP B 281 8.84 -19.66 41.37
C ASP B 281 9.62 -19.53 40.07
N SER B 282 9.40 -18.41 39.37
CA SER B 282 10.09 -18.13 38.13
C SER B 282 10.23 -16.63 37.96
N SER B 283 11.27 -16.20 37.26
CA SER B 283 11.50 -14.78 37.06
C SER B 283 12.38 -14.56 35.83
N VAL B 284 12.32 -13.33 35.32
CA VAL B 284 13.15 -12.88 34.22
C VAL B 284 13.88 -11.62 34.68
N SER B 285 15.18 -11.56 34.44
CA SER B 285 16.01 -10.44 34.87
C SER B 285 16.21 -9.44 33.75
N TYR B 286 16.34 -8.17 34.12
CA TYR B 286 16.52 -7.08 33.18
C TYR B 286 17.71 -6.23 33.59
N ALA B 287 18.53 -5.85 32.61
CA ALA B 287 19.71 -5.04 32.84
C ALA B 287 19.84 -3.99 31.76
N ALA B 288 20.13 -2.76 32.15
CA ALA B 288 20.30 -1.64 31.24
C ALA B 288 21.71 -1.09 31.37
N GLY B 289 22.42 -0.96 30.24
CA GLY B 289 23.78 -0.48 30.25
C GLY B 289 24.06 0.38 29.04
N ALA B 290 25.18 1.09 29.10
CA ALA B 290 25.55 2.02 28.05
C ALA B 290 27.05 1.95 27.78
N LEU B 291 27.42 2.14 26.52
CA LEU B 291 28.81 2.24 26.09
C LEU B 291 29.10 3.66 25.67
N THR B 292 30.17 4.25 26.22
CA THR B 292 30.57 5.61 25.89
C THR B 292 32.00 5.59 25.37
N VAL B 293 32.24 6.39 24.33
CA VAL B 293 33.54 6.48 23.69
C VAL B 293 34.26 7.72 24.21
N HIS B 294 35.53 7.56 24.57
CA HIS B 294 36.35 8.68 25.01
C HIS B 294 37.65 8.75 24.23
N VAL C 2 -18.50 33.64 -25.75
CA VAL C 2 -17.81 32.52 -26.38
C VAL C 2 -18.80 31.41 -26.70
N VAL C 3 -19.34 31.42 -27.91
CA VAL C 3 -20.30 30.41 -28.33
CA VAL C 3 -20.30 30.41 -28.33
C VAL C 3 -19.65 29.11 -28.78
N CYS C 4 -18.32 29.01 -28.70
CA CYS C 4 -17.61 27.82 -29.13
C CYS C 4 -16.84 27.20 -27.98
N ARG C 5 -16.94 25.88 -27.84
CA ARG C 5 -16.07 25.11 -26.98
C ARG C 5 -14.85 24.69 -27.81
N GLU C 6 -13.68 25.17 -27.42
CA GLU C 6 -12.47 24.84 -28.16
C GLU C 6 -12.10 23.38 -27.95
N ALA C 7 -11.45 22.80 -28.96
CA ALA C 7 -10.89 21.46 -28.86
C ALA C 7 -9.67 21.53 -27.95
N SER C 8 -9.95 21.58 -26.64
CA SER C 8 -8.93 21.89 -25.65
C SER C 8 -7.87 20.81 -25.51
N HIS C 9 -8.16 19.58 -25.93
CA HIS C 9 -7.22 18.49 -25.82
C HIS C 9 -6.64 18.06 -27.16
N ALA C 10 -6.85 18.86 -28.20
CA ALA C 10 -6.22 18.59 -29.49
C ALA C 10 -4.72 18.86 -29.42
N GLY C 11 -3.94 18.00 -30.06
CA GLY C 11 -2.50 18.11 -29.98
C GLY C 11 -1.92 17.16 -28.95
N SER C 12 -2.65 16.98 -27.85
CA SER C 12 -2.23 16.09 -26.78
C SER C 12 -2.88 14.71 -26.88
N TRP C 13 -4.21 14.65 -26.79
CA TRP C 13 -4.93 13.38 -26.83
C TRP C 13 -5.17 12.87 -28.25
N TYR C 14 -5.08 13.74 -29.24
CA TYR C 14 -5.22 13.34 -30.64
C TYR C 14 -4.58 14.41 -31.51
N THR C 15 -4.28 14.04 -32.74
CA THR C 15 -3.57 14.95 -33.64
C THR C 15 -4.36 16.22 -33.86
N ALA C 16 -3.69 17.37 -33.68
CA ALA C 16 -4.31 18.66 -33.93
C ALA C 16 -4.42 18.99 -35.40
N SER C 17 -3.73 18.23 -36.25
CA SER C 17 -3.76 18.46 -37.69
C SER C 17 -4.98 17.77 -38.30
N GLY C 18 -5.83 18.55 -38.94
CA GLY C 18 -7.03 18.04 -39.56
C GLY C 18 -6.76 16.95 -40.57
N PRO C 19 -5.95 17.26 -41.60
CA PRO C 19 -5.56 16.21 -42.56
C PRO C 19 -4.99 14.96 -41.91
N GLN C 20 -4.08 15.13 -40.94
CA GLN C 20 -3.51 13.96 -40.27
C GLN C 20 -4.57 13.22 -39.46
N LEU C 21 -5.40 13.95 -38.71
CA LEU C 21 -6.47 13.30 -37.96
C LEU C 21 -7.46 12.62 -38.90
N ASN C 22 -7.82 13.29 -39.99
CA ASN C 22 -8.75 12.71 -40.96
C ASN C 22 -8.23 11.38 -41.49
N ALA C 23 -6.93 11.32 -41.82
CA ALA C 23 -6.36 10.10 -42.37
C ALA C 23 -6.33 8.98 -41.34
N GLN C 24 -6.03 9.30 -40.07
CA GLN C 24 -5.94 8.28 -39.04
C GLN C 24 -7.30 7.61 -38.80
N LEU C 25 -8.34 8.42 -38.57
CA LEU C 25 -9.68 7.88 -38.37
C LEU C 25 -10.14 7.08 -39.57
N GLU C 26 -9.86 7.57 -40.78
CA GLU C 26 -10.21 6.81 -41.99
C GLU C 26 -9.50 5.46 -42.01
N GLY C 27 -8.22 5.43 -41.67
CA GLY C 27 -7.48 4.18 -41.71
C GLY C 27 -7.98 3.17 -40.70
N TRP C 28 -8.31 3.62 -39.49
CA TRP C 28 -8.82 2.72 -38.46
C TRP C 28 -10.14 2.09 -38.86
N LEU C 29 -11.00 2.86 -39.54
CA LEU C 29 -12.30 2.34 -39.96
C LEU C 29 -12.21 1.31 -41.08
N SER C 30 -11.07 1.24 -41.79
CA SER C 30 -10.94 0.27 -42.86
C SER C 30 -10.89 -1.17 -42.34
N GLN C 31 -10.33 -1.39 -41.16
CA GLN C 31 -10.16 -2.73 -40.63
C GLN C 31 -11.41 -3.26 -39.93
N VAL C 32 -12.53 -2.55 -39.99
CA VAL C 32 -13.76 -2.95 -39.32
C VAL C 32 -14.83 -3.18 -40.37
N GLN C 33 -15.51 -4.32 -40.27
CA GLN C 33 -16.65 -4.64 -41.13
C GLN C 33 -17.93 -4.33 -40.36
N SER C 34 -18.84 -3.60 -41.00
CA SER C 34 -20.08 -3.22 -40.34
C SER C 34 -20.96 -4.46 -40.17
N THR C 35 -21.37 -4.73 -38.94
CA THR C 35 -22.20 -5.89 -38.65
C THR C 35 -23.40 -5.57 -37.78
N LYS C 36 -23.47 -4.40 -37.14
CA LYS C 36 -24.56 -4.05 -36.25
C LYS C 36 -25.22 -2.73 -36.64
N ARG C 37 -25.13 -2.37 -37.92
CA ARG C 37 -25.78 -1.16 -38.41
C ARG C 37 -27.30 -1.38 -38.46
N PRO C 38 -28.11 -0.36 -38.11
CA PRO C 38 -27.66 0.94 -37.60
C PRO C 38 -27.63 0.99 -36.08
N ALA C 39 -26.50 1.41 -35.52
CA ALA C 39 -26.36 1.43 -34.07
C ALA C 39 -27.25 2.49 -33.45
N ARG C 40 -28.05 2.09 -32.47
CA ARG C 40 -28.82 3.03 -31.67
C ARG C 40 -28.00 3.61 -30.53
N ALA C 41 -27.07 2.83 -29.98
CA ALA C 41 -26.16 3.30 -28.96
C ALA C 41 -24.84 2.57 -29.13
N ILE C 42 -23.77 3.18 -28.63
CA ILE C 42 -22.45 2.57 -28.65
C ILE C 42 -21.76 2.86 -27.33
N ILE C 43 -20.83 1.97 -26.96
CA ILE C 43 -19.92 2.18 -25.85
C ILE C 43 -18.52 2.22 -26.45
N ALA C 44 -17.78 3.29 -26.14
CA ALA C 44 -16.49 3.50 -26.76
C ALA C 44 -15.51 4.09 -25.75
N PRO C 45 -14.19 3.77 -25.87
CA PRO C 45 -13.18 4.37 -25.00
C PRO C 45 -12.88 5.87 -25.17
N HIS C 46 -12.39 6.48 -24.09
CA HIS C 46 -12.06 7.92 -24.14
C HIS C 46 -10.59 8.14 -23.80
N ALA C 47 -9.76 7.17 -24.10
CA ALA C 47 -8.32 7.37 -23.89
C ALA C 47 -7.72 8.04 -25.13
N GLY C 48 -6.41 8.23 -25.13
CA GLY C 48 -5.76 8.81 -26.29
C GLY C 48 -5.92 7.93 -27.52
N TYR C 49 -6.06 8.58 -28.68
CA TYR C 49 -6.29 7.83 -29.92
C TYR C 49 -5.13 6.89 -30.23
N THR C 50 -3.91 7.23 -29.80
CA THR C 50 -2.78 6.34 -30.04
C THR C 50 -2.91 5.02 -29.29
N TYR C 51 -3.73 4.98 -28.24
CA TYR C 51 -3.93 3.75 -27.49
C TYR C 51 -5.22 3.03 -27.88
N CYS C 52 -6.34 3.75 -27.98
CA CYS C 52 -7.64 3.12 -28.18
C CYS C 52 -8.30 3.50 -29.50
N GLY C 53 -7.58 4.15 -30.41
CA GLY C 53 -8.20 4.60 -31.64
C GLY C 53 -8.72 3.46 -32.50
N SER C 54 -7.89 2.44 -32.71
CA SER C 54 -8.31 1.30 -33.51
C SER C 54 -9.44 0.53 -32.84
N CYS C 55 -9.48 0.52 -31.51
CA CYS C 55 -10.56 -0.17 -30.81
C CYS C 55 -11.88 0.57 -30.97
N ALA C 56 -11.87 1.89 -30.76
CA ALA C 56 -13.11 2.67 -30.85
C ALA C 56 -13.71 2.62 -32.24
N ALA C 57 -12.88 2.37 -33.26
CA ALA C 57 -13.40 2.29 -34.62
C ALA C 57 -14.39 1.14 -34.77
N HIS C 58 -14.27 0.10 -33.94
CA HIS C 58 -15.21 -1.00 -34.00
C HIS C 58 -16.62 -0.58 -33.62
N ALA C 59 -16.74 0.47 -32.80
CA ALA C 59 -18.06 0.97 -32.43
C ALA C 59 -18.59 1.98 -33.44
N TYR C 60 -17.73 2.90 -33.92
CA TYR C 60 -18.21 3.95 -34.81
C TYR C 60 -18.48 3.44 -36.22
N LYS C 61 -17.88 2.30 -36.61
CA LYS C 61 -18.20 1.71 -37.90
C LYS C 61 -19.63 1.20 -37.97
N GLN C 62 -20.28 1.02 -36.82
CA GLN C 62 -21.66 0.56 -36.78
C GLN C 62 -22.67 1.69 -36.89
N VAL C 63 -22.22 2.93 -36.87
CA VAL C 63 -23.13 4.07 -37.02
C VAL C 63 -23.47 4.23 -38.49
N ASP C 64 -24.77 4.33 -38.79
CA ASP C 64 -25.25 4.55 -40.14
C ASP C 64 -25.53 6.03 -40.32
N PRO C 65 -24.72 6.77 -41.07
CA PRO C 65 -24.92 8.22 -41.18
C PRO C 65 -26.18 8.61 -41.94
N SER C 66 -26.75 7.71 -42.73
CA SER C 66 -27.98 8.01 -43.46
C SER C 66 -29.22 7.91 -42.58
N ILE C 67 -29.08 7.43 -41.35
CA ILE C 67 -30.21 7.26 -40.43
C ILE C 67 -30.08 8.20 -39.23
N THR C 68 -28.91 8.21 -38.60
CA THR C 68 -28.72 9.00 -37.38
C THR C 68 -28.63 10.48 -37.70
N ARG C 69 -29.33 11.30 -36.90
CA ARG C 69 -29.29 12.74 -37.04
C ARG C 69 -29.02 13.49 -35.74
N ARG C 70 -29.19 12.86 -34.57
CA ARG C 70 -28.93 13.48 -33.28
C ARG C 70 -28.13 12.51 -32.44
N ILE C 71 -26.96 12.95 -31.95
CA ILE C 71 -26.00 12.08 -31.30
C ILE C 71 -25.80 12.57 -29.87
N PHE C 72 -26.31 11.80 -28.91
CA PHE C 72 -26.06 12.06 -27.50
C PHE C 72 -24.68 11.52 -27.11
N ILE C 73 -23.89 12.33 -26.41
CA ILE C 73 -22.59 11.91 -25.91
C ILE C 73 -22.62 12.05 -24.39
N LEU C 74 -22.62 10.91 -23.70
CA LEU C 74 -22.68 10.87 -22.24
C LEU C 74 -21.30 10.45 -21.73
N GLY C 75 -20.61 11.37 -21.05
CA GLY C 75 -19.30 11.10 -20.52
C GLY C 75 -19.19 11.38 -19.03
N PRO C 76 -18.35 10.61 -18.33
CA PRO C 76 -18.15 10.83 -16.90
C PRO C 76 -17.26 12.03 -16.62
N SER C 77 -17.54 12.69 -15.50
CA SER C 77 -16.72 13.82 -15.07
C SER C 77 -15.50 13.33 -14.32
N HIS C 78 -14.35 13.93 -14.62
CA HIS C 78 -13.09 13.54 -14.01
C HIS C 78 -12.46 14.61 -13.12
N HIS C 79 -12.89 15.87 -13.25
CA HIS C 79 -12.25 16.96 -12.51
C HIS C 79 -13.20 17.78 -11.66
N VAL C 80 -14.51 17.70 -11.88
CA VAL C 80 -15.48 18.57 -11.25
C VAL C 80 -16.38 17.73 -10.36
N PRO C 81 -16.68 18.14 -9.13
CA PRO C 81 -17.62 17.39 -8.30
C PRO C 81 -19.04 17.54 -8.83
N LEU C 82 -19.64 16.43 -9.24
CA LEU C 82 -20.95 16.43 -9.86
C LEU C 82 -21.72 15.23 -9.34
N SER C 83 -22.83 15.49 -8.65
CA SER C 83 -23.72 14.44 -8.18
C SER C 83 -24.91 14.22 -9.11
N ARG C 84 -25.06 15.06 -10.14
CA ARG C 84 -26.14 14.91 -11.11
C ARG C 84 -25.55 14.87 -12.52
N CYS C 85 -26.29 15.42 -13.49
CA CYS C 85 -25.78 15.58 -14.84
C CYS C 85 -25.71 17.06 -15.20
N ALA C 86 -24.81 17.40 -16.10
CA ALA C 86 -24.55 18.78 -16.46
C ALA C 86 -24.63 18.96 -17.96
N LEU C 87 -25.14 20.11 -18.38
CA LEU C 87 -25.24 20.49 -19.78
C LEU C 87 -24.28 21.64 -20.07
N SER C 88 -23.85 21.72 -21.33
CA SER C 88 -22.91 22.77 -21.73
C SER C 88 -23.62 24.11 -21.80
N SER C 89 -22.84 25.18 -21.68
CA SER C 89 -23.34 26.54 -21.78
C SER C 89 -23.07 27.20 -23.12
N VAL C 90 -22.28 26.56 -23.99
CA VAL C 90 -22.00 27.09 -25.31
C VAL C 90 -22.94 26.44 -26.32
N ASP C 91 -22.76 26.74 -27.60
CA ASP C 91 -23.61 26.20 -28.65
C ASP C 91 -22.88 25.36 -29.68
N ILE C 92 -21.55 25.43 -29.75
CA ILE C 92 -20.77 24.72 -30.76
C ILE C 92 -19.61 24.02 -30.07
N TYR C 93 -19.39 22.75 -30.43
CA TYR C 93 -18.22 21.99 -30.01
C TYR C 93 -17.30 21.88 -31.22
N ARG C 94 -16.08 22.41 -31.08
CA ARG C 94 -15.13 22.43 -32.18
C ARG C 94 -14.28 21.17 -32.21
N THR C 95 -13.97 20.72 -33.42
CA THR C 95 -13.06 19.61 -33.68
C THR C 95 -12.12 20.02 -34.80
N PRO C 96 -10.94 19.40 -34.89
CA PRO C 96 -10.05 19.69 -36.02
C PRO C 96 -10.65 19.37 -37.38
N LEU C 97 -11.62 18.45 -37.46
CA LEU C 97 -12.26 18.15 -38.74
C LEU C 97 -13.24 19.26 -39.12
N TYR C 98 -14.38 19.32 -38.43
CA TYR C 98 -15.31 20.43 -38.57
C TYR C 98 -16.09 20.57 -37.27
N ASP C 99 -16.64 21.77 -37.05
CA ASP C 99 -17.30 22.09 -35.80
C ASP C 99 -18.69 21.44 -35.75
N LEU C 100 -19.09 21.08 -34.53
CA LEU C 100 -20.35 20.38 -34.30
C LEU C 100 -21.33 21.29 -33.57
N ARG C 101 -22.61 21.20 -33.95
CA ARG C 101 -23.65 22.05 -33.41
C ARG C 101 -24.44 21.30 -32.34
N ILE C 102 -24.72 22.00 -31.25
CA ILE C 102 -25.51 21.45 -30.15
C ILE C 102 -26.99 21.63 -30.47
N ASP C 103 -27.77 20.56 -30.31
CA ASP C 103 -29.21 20.59 -30.56
C ASP C 103 -29.91 21.46 -29.53
N GLN C 104 -30.35 22.65 -29.95
CA GLN C 104 -30.97 23.58 -29.01
C GLN C 104 -32.36 23.14 -28.58
N LYS C 105 -33.10 22.46 -29.47
CA LYS C 105 -34.43 22.00 -29.10
C LYS C 105 -34.37 20.95 -27.98
N ILE C 106 -33.51 19.94 -28.15
CA ILE C 106 -33.40 18.91 -27.13
C ILE C 106 -32.77 19.48 -25.86
N TYR C 107 -31.81 20.40 -26.01
CA TYR C 107 -31.22 21.05 -24.86
C TYR C 107 -32.26 21.83 -24.05
N GLY C 108 -33.20 22.48 -24.73
CA GLY C 108 -34.28 23.15 -24.02
C GLY C 108 -35.21 22.18 -23.32
N GLU C 109 -35.48 21.03 -23.94
CA GLU C 109 -36.31 20.01 -23.30
C GLU C 109 -35.63 19.44 -22.07
N LEU C 110 -34.33 19.15 -22.15
CA LEU C 110 -33.62 18.59 -21.01
C LEU C 110 -33.51 19.60 -19.88
N TRP C 111 -33.30 20.87 -20.20
CA TRP C 111 -33.15 21.89 -19.16
C TRP C 111 -34.46 22.11 -18.39
N LYS C 112 -35.60 22.01 -19.07
CA LYS C 112 -36.89 22.22 -18.42
C LYS C 112 -37.26 21.14 -17.42
N THR C 113 -36.52 20.02 -17.40
CA THR C 113 -36.80 18.97 -16.42
C THR C 113 -36.28 19.30 -15.02
N GLY C 114 -35.32 20.22 -14.92
CA GLY C 114 -34.76 20.58 -13.63
C GLY C 114 -33.80 19.56 -13.05
N MET C 115 -33.45 18.51 -13.79
CA MET C 115 -32.54 17.49 -13.31
C MET C 115 -31.09 17.77 -13.65
N PHE C 116 -30.82 18.75 -14.51
CA PHE C 116 -29.48 19.02 -15.00
C PHE C 116 -28.93 20.30 -14.38
N GLU C 117 -27.61 20.36 -14.29
CA GLU C 117 -26.89 21.57 -13.92
C GLU C 117 -26.19 22.13 -15.14
N ARG C 118 -25.77 23.38 -15.04
CA ARG C 118 -25.06 24.05 -16.13
C ARG C 118 -23.58 24.09 -15.80
N MET C 119 -22.76 23.42 -16.60
CA MET C 119 -21.32 23.43 -16.39
C MET C 119 -20.67 24.60 -17.11
N SER C 120 -19.72 25.23 -16.44
CA SER C 120 -19.05 26.41 -16.97
C SER C 120 -18.19 26.05 -18.17
N LEU C 121 -17.73 27.09 -18.88
CA LEU C 121 -16.84 26.87 -20.00
C LEU C 121 -15.53 26.23 -19.55
N GLN C 122 -15.00 26.66 -18.41
CA GLN C 122 -13.78 26.04 -17.88
C GLN C 122 -13.99 24.58 -17.57
N THR C 123 -15.10 24.24 -16.91
CA THR C 123 -15.44 22.84 -16.69
C THR C 123 -15.59 22.09 -18.02
N ASP C 124 -16.26 22.72 -18.99
CA ASP C 124 -16.50 22.09 -20.28
C ASP C 124 -15.18 21.73 -20.96
N GLU C 125 -14.28 22.70 -21.10
CA GLU C 125 -13.03 22.46 -21.80
C GLU C 125 -12.05 21.63 -20.98
N ASP C 126 -12.15 21.65 -19.65
CA ASP C 126 -11.23 20.86 -18.83
C ASP C 126 -11.51 19.37 -18.96
N GLU C 127 -12.79 18.99 -19.02
CA GLU C 127 -13.15 17.58 -19.14
C GLU C 127 -12.79 17.06 -20.52
N HIS C 128 -12.47 15.77 -20.60
CA HIS C 128 -12.10 15.12 -21.85
C HIS C 128 -12.97 13.93 -22.24
N SER C 129 -13.80 13.41 -21.33
CA SER C 129 -14.53 12.17 -21.62
C SER C 129 -15.53 12.35 -22.75
N ILE C 130 -16.06 13.56 -22.94
CA ILE C 130 -16.96 13.82 -24.06
C ILE C 130 -16.16 14.19 -25.32
N GLU C 131 -15.11 15.00 -25.15
CA GLU C 131 -14.38 15.52 -26.31
C GLU C 131 -13.76 14.41 -27.13
N MET C 132 -13.31 13.33 -26.49
CA MET C 132 -12.63 12.25 -27.21
C MET C 132 -13.53 11.62 -28.27
N HIS C 133 -14.83 11.86 -28.21
CA HIS C 133 -15.77 11.29 -29.17
C HIS C 133 -16.19 12.27 -30.25
N LEU C 134 -15.80 13.55 -30.15
CA LEU C 134 -16.20 14.51 -31.18
C LEU C 134 -15.53 14.22 -32.52
N PRO C 135 -14.20 14.04 -32.62
CA PRO C 135 -13.62 13.76 -33.94
C PRO C 135 -14.13 12.47 -34.57
N TYR C 136 -14.28 11.41 -33.79
CA TYR C 136 -14.82 10.17 -34.35
C TYR C 136 -16.26 10.35 -34.81
N THR C 137 -17.06 11.09 -34.04
CA THR C 137 -18.44 11.35 -34.44
C THR C 137 -18.49 12.15 -35.73
N ALA C 138 -17.70 13.22 -35.82
CA ALA C 138 -17.69 14.04 -37.02
C ALA C 138 -17.23 13.26 -38.24
N LYS C 139 -16.28 12.34 -38.04
CA LYS C 139 -15.79 11.53 -39.14
C LYS C 139 -16.84 10.56 -39.65
N ALA C 140 -17.52 9.86 -38.73
CA ALA C 140 -18.51 8.87 -39.13
C ALA C 140 -19.77 9.49 -39.72
N MET C 141 -20.01 10.77 -39.49
CA MET C 141 -21.21 11.44 -39.97
C MET C 141 -20.93 12.45 -41.06
N GLU C 142 -19.72 12.43 -41.64
CA GLU C 142 -19.33 13.44 -42.60
C GLU C 142 -20.15 13.39 -43.89
N SER C 143 -20.78 12.25 -44.19
CA SER C 143 -21.64 12.18 -45.37
C SER C 143 -22.84 13.11 -45.25
N HIS C 144 -23.26 13.40 -44.02
CA HIS C 144 -24.31 14.37 -43.72
C HIS C 144 -23.80 15.37 -42.69
N LYS C 145 -22.60 15.89 -42.93
CA LYS C 145 -21.92 16.80 -41.96
C LYS C 145 -22.75 18.01 -41.55
N ASP C 146 -23.66 18.45 -42.41
CA ASP C 146 -24.43 19.65 -42.12
C ASP C 146 -25.86 19.36 -41.71
N GLU C 147 -26.21 18.09 -41.47
CA GLU C 147 -27.57 17.73 -41.11
C GLU C 147 -27.71 17.08 -39.74
N PHE C 148 -26.69 17.11 -38.89
CA PHE C 148 -26.77 16.43 -37.62
C PHE C 148 -26.33 17.35 -36.49
N THR C 149 -26.86 17.06 -35.30
CA THR C 149 -26.53 17.80 -34.08
C THR C 149 -26.03 16.83 -33.03
N ILE C 150 -25.48 17.38 -31.96
CA ILE C 150 -24.96 16.58 -30.84
C ILE C 150 -25.61 17.06 -29.56
N ILE C 151 -25.69 16.16 -28.58
CA ILE C 151 -26.23 16.50 -27.27
C ILE C 151 -25.22 16.08 -26.21
N PRO C 152 -24.28 16.94 -25.85
CA PRO C 152 -23.31 16.57 -24.81
C PRO C 152 -23.93 16.60 -23.42
N VAL C 153 -23.64 15.56 -22.65
CA VAL C 153 -24.16 15.42 -21.30
C VAL C 153 -23.02 14.91 -20.41
N LEU C 154 -22.57 15.74 -19.48
CA LEU C 154 -21.57 15.30 -18.50
C LEU C 154 -22.29 14.58 -17.36
N VAL C 155 -21.88 13.34 -17.10
CA VAL C 155 -22.52 12.49 -16.10
C VAL C 155 -21.63 12.44 -14.86
N GLY C 156 -22.20 12.78 -13.72
CA GLY C 156 -21.48 12.80 -12.46
C GLY C 156 -21.61 11.50 -11.69
N ALA C 157 -21.30 11.58 -10.39
CA ALA C 157 -21.35 10.42 -9.50
C ALA C 157 -22.80 10.13 -9.15
N LEU C 158 -23.46 9.40 -10.05
CA LEU C 158 -24.89 9.19 -9.93
C LEU C 158 -25.20 8.06 -8.96
N SER C 159 -26.20 8.29 -8.10
CA SER C 159 -26.72 7.24 -7.26
C SER C 159 -27.51 6.24 -8.10
N GLU C 160 -27.82 5.09 -7.49
CA GLU C 160 -28.63 4.09 -8.18
C GLU C 160 -30.00 4.66 -8.52
N SER C 161 -30.59 5.42 -7.60
CA SER C 161 -31.88 6.05 -7.88
C SER C 161 -31.76 7.09 -8.99
N LYS C 162 -30.68 7.87 -9.02
CA LYS C 162 -30.50 8.84 -10.09
C LYS C 162 -30.20 8.16 -11.43
N GLU C 163 -29.48 7.03 -11.40
CA GLU C 163 -29.22 6.30 -12.65
C GLU C 163 -30.52 5.80 -13.27
N GLN C 164 -31.48 5.39 -12.44
CA GLN C 164 -32.76 4.95 -12.96
C GLN C 164 -33.59 6.13 -13.45
N GLU C 165 -33.58 7.23 -12.70
CA GLU C 165 -34.32 8.41 -13.11
C GLU C 165 -33.80 8.95 -14.45
N PHE C 166 -32.48 9.10 -14.55
CA PHE C 166 -31.89 9.56 -15.80
C PHE C 166 -32.09 8.54 -16.92
N GLY C 167 -32.08 7.25 -16.59
CA GLY C 167 -32.30 6.24 -17.61
C GLY C 167 -33.69 6.28 -18.21
N LYS C 168 -34.71 6.48 -17.35
CA LYS C 168 -36.07 6.60 -17.87
C LYS C 168 -36.25 7.87 -18.69
N LEU C 169 -35.55 8.95 -18.31
CA LEU C 169 -35.67 10.20 -19.05
C LEU C 169 -35.10 10.08 -20.46
N PHE C 170 -33.89 9.53 -20.59
CA PHE C 170 -33.28 9.39 -21.90
C PHE C 170 -33.91 8.29 -22.74
N SER C 171 -34.72 7.42 -22.14
CA SER C 171 -35.33 6.33 -22.89
C SER C 171 -36.26 6.84 -23.98
N LYS C 172 -36.94 7.96 -23.75
CA LYS C 172 -37.81 8.51 -24.79
C LYS C 172 -37.01 8.91 -26.03
N TYR C 173 -35.77 9.34 -25.86
CA TYR C 173 -34.92 9.66 -27.00
C TYR C 173 -34.24 8.44 -27.58
N LEU C 174 -33.89 7.46 -26.75
CA LEU C 174 -33.27 6.24 -27.26
C LEU C 174 -34.20 5.49 -28.20
N ALA C 175 -35.52 5.66 -28.03
CA ALA C 175 -36.49 5.01 -28.90
C ALA C 175 -36.56 5.65 -30.27
N ASP C 176 -36.06 6.86 -30.43
CA ASP C 176 -36.10 7.57 -31.71
C ASP C 176 -35.08 6.98 -32.67
N PRO C 177 -35.49 6.53 -33.87
CA PRO C 177 -34.51 6.01 -34.84
C PRO C 177 -33.53 7.06 -35.34
N SER C 178 -33.86 8.34 -35.25
CA SER C 178 -32.94 9.39 -35.67
C SER C 178 -31.89 9.71 -34.61
N ASN C 179 -31.93 9.03 -33.46
CA ASN C 179 -31.05 9.33 -32.34
C ASN C 179 -30.00 8.25 -32.15
N LEU C 180 -28.84 8.67 -31.64
CA LEU C 180 -27.75 7.78 -31.27
C LEU C 180 -27.22 8.21 -29.92
N PHE C 181 -26.92 7.23 -29.06
CA PHE C 181 -26.40 7.49 -27.73
C PHE C 181 -24.98 6.94 -27.65
N VAL C 182 -24.01 7.84 -27.54
CA VAL C 182 -22.61 7.45 -27.33
C VAL C 182 -22.35 7.48 -25.83
N VAL C 183 -22.06 6.30 -25.26
CA VAL C 183 -21.74 6.19 -23.84
C VAL C 183 -20.23 6.02 -23.72
N SER C 184 -19.58 6.99 -23.08
CA SER C 184 -18.13 7.04 -23.00
C SER C 184 -17.64 6.31 -21.74
N SER C 185 -16.75 5.34 -21.93
CA SER C 185 -16.22 4.61 -20.79
C SER C 185 -14.99 3.83 -21.20
N ASP C 186 -13.97 3.85 -20.33
CA ASP C 186 -12.91 2.85 -20.35
C ASP C 186 -13.28 1.72 -19.40
N PHE C 187 -12.52 0.63 -19.47
CA PHE C 187 -12.76 -0.45 -18.50
C PHE C 187 -11.61 -0.51 -17.50
N CYS C 188 -11.22 -1.71 -17.09
CA CYS C 188 -10.39 -1.89 -15.90
C CYS C 188 -9.11 -1.06 -15.95
N HIS C 189 -8.94 -0.20 -14.95
CA HIS C 189 -7.66 0.43 -14.64
C HIS C 189 -7.00 -0.38 -13.54
N TRP C 190 -6.00 -1.17 -13.91
CA TRP C 190 -5.32 -2.07 -12.97
C TRP C 190 -3.92 -1.54 -12.65
N GLY C 191 -3.54 -1.63 -11.39
CA GLY C 191 -2.21 -1.26 -10.95
C GLY C 191 -2.26 -0.45 -9.67
N GLN C 192 -1.09 -0.34 -9.02
CA GLN C 192 -1.00 0.45 -7.80
C GLN C 192 -1.27 1.92 -8.07
N ARG C 193 -0.92 2.42 -9.26
CA ARG C 193 -1.23 3.80 -9.58
C ARG C 193 -2.73 4.06 -9.52
N PHE C 194 -3.56 3.05 -9.77
CA PHE C 194 -5.00 3.15 -9.66
C PHE C 194 -5.52 2.62 -8.32
N ARG C 195 -4.63 2.16 -7.44
CA ARG C 195 -5.02 1.59 -6.15
C ARG C 195 -6.02 0.44 -6.33
N TYR C 196 -5.84 -0.32 -7.40
CA TYR C 196 -6.70 -1.46 -7.71
C TYR C 196 -5.82 -2.59 -8.26
N SER C 197 -5.75 -3.69 -7.52
CA SER C 197 -4.87 -4.79 -7.90
C SER C 197 -5.55 -6.15 -7.75
N TYR C 198 -6.87 -6.20 -7.95
CA TYR C 198 -7.59 -7.46 -7.80
C TYR C 198 -7.06 -8.49 -8.79
N TYR C 199 -6.81 -9.70 -8.29
CA TYR C 199 -6.20 -10.75 -9.08
C TYR C 199 -6.81 -12.10 -8.70
N ASP C 200 -7.41 -12.77 -9.67
CA ASP C 200 -7.93 -14.13 -9.49
C ASP C 200 -6.91 -15.10 -10.08
N GLU C 201 -6.20 -15.81 -9.20
CA GLU C 201 -5.16 -16.74 -9.66
C GLU C 201 -5.72 -17.87 -10.50
N SER C 202 -7.01 -18.19 -10.33
CA SER C 202 -7.61 -19.25 -11.14
C SER C 202 -7.63 -18.90 -12.61
N GLN C 203 -7.66 -17.60 -12.94
CA GLN C 203 -7.67 -17.14 -14.32
C GLN C 203 -6.28 -17.14 -14.97
N GLY C 204 -5.24 -17.50 -14.24
CA GLY C 204 -3.91 -17.58 -14.82
C GLY C 204 -3.14 -16.28 -14.60
N GLU C 205 -2.57 -15.75 -15.68
CA GLU C 205 -1.77 -14.55 -15.59
C GLU C 205 -2.63 -13.35 -15.20
N ILE C 206 -1.97 -12.27 -14.78
CA ILE C 206 -2.68 -11.09 -14.30
C ILE C 206 -3.56 -10.50 -15.39
N TYR C 207 -3.00 -10.37 -16.61
CA TYR C 207 -3.78 -9.79 -17.70
C TYR C 207 -4.94 -10.69 -18.10
N ARG C 208 -4.81 -12.01 -17.92
CA ARG C 208 -5.95 -12.89 -18.13
C ARG C 208 -7.00 -12.71 -17.06
N SER C 209 -6.58 -12.42 -15.82
CA SER C 209 -7.55 -12.13 -14.76
C SER C 209 -8.28 -10.83 -15.03
N ILE C 210 -7.56 -9.81 -15.52
CA ILE C 210 -8.21 -8.57 -15.92
C ILE C 210 -9.19 -8.82 -17.05
N GLU C 211 -8.80 -9.64 -18.03
CA GLU C 211 -9.69 -9.94 -19.14
C GLU C 211 -10.96 -10.62 -18.66
N HIS C 212 -10.83 -11.58 -17.74
CA HIS C 212 -12.01 -12.27 -17.23
C HIS C 212 -12.91 -11.32 -16.45
N LEU C 213 -12.33 -10.44 -15.66
CA LEU C 213 -13.13 -9.49 -14.89
C LEU C 213 -13.87 -8.52 -15.81
N ASP C 214 -13.19 -8.00 -16.83
CA ASP C 214 -13.83 -7.07 -17.76
C ASP C 214 -14.97 -7.74 -18.51
N LYS C 215 -14.71 -8.92 -19.06
CA LYS C 215 -15.72 -9.58 -19.89
C LYS C 215 -16.89 -10.10 -19.07
N MET C 216 -16.71 -10.27 -17.75
CA MET C 216 -17.86 -10.54 -16.90
C MET C 216 -18.82 -9.36 -16.92
N GLY C 217 -18.28 -8.14 -16.80
CA GLY C 217 -19.12 -6.96 -16.87
C GLY C 217 -19.65 -6.68 -18.26
N MET C 218 -18.86 -6.99 -19.29
CA MET C 218 -19.36 -6.82 -20.66
C MET C 218 -20.51 -7.77 -20.94
N SER C 219 -20.43 -9.01 -20.45
CA SER C 219 -21.51 -9.96 -20.65
C SER C 219 -22.79 -9.49 -19.96
N ILE C 220 -22.65 -8.93 -18.77
CA ILE C 220 -23.82 -8.41 -18.06
C ILE C 220 -24.44 -7.24 -18.83
N ILE C 221 -23.60 -6.39 -19.42
CA ILE C 221 -24.11 -5.32 -20.28
C ILE C 221 -24.83 -5.91 -21.48
N GLU C 222 -24.27 -6.98 -22.06
CA GLU C 222 -24.89 -7.64 -23.19
C GLU C 222 -26.20 -8.32 -22.81
N GLN C 223 -26.40 -8.59 -21.52
CA GLN C 223 -27.67 -9.09 -21.03
C GLN C 223 -28.63 -7.97 -20.63
N LEU C 224 -28.23 -6.71 -20.84
CA LEU C 224 -29.11 -5.56 -20.65
C LEU C 224 -29.69 -5.54 -19.23
N ASP C 225 -28.86 -5.84 -18.24
CA ASP C 225 -29.29 -6.02 -16.86
C ASP C 225 -28.65 -4.95 -15.96
N PRO C 226 -29.34 -3.85 -15.70
CA PRO C 226 -28.76 -2.81 -14.83
C PRO C 226 -28.64 -3.26 -13.37
N VAL C 227 -29.54 -4.13 -12.90
CA VAL C 227 -29.47 -4.59 -11.52
C VAL C 227 -28.26 -5.51 -11.33
N SER C 228 -28.01 -6.41 -12.27
CA SER C 228 -26.83 -7.26 -12.20
C SER C 228 -25.55 -6.45 -12.34
N PHE C 229 -25.56 -5.42 -13.19
CA PHE C 229 -24.38 -4.57 -13.35
C PHE C 229 -24.05 -3.84 -12.05
N SER C 230 -25.07 -3.36 -11.35
CA SER C 230 -24.85 -2.71 -10.06
C SER C 230 -24.24 -3.69 -9.07
N ASN C 231 -24.77 -4.92 -9.00
CA ASN C 231 -24.22 -5.92 -8.10
C ASN C 231 -22.80 -6.31 -8.50
N TYR C 232 -22.54 -6.40 -9.80
CA TYR C 232 -21.20 -6.75 -10.27
C TYR C 232 -20.18 -5.71 -9.84
N LEU C 233 -20.56 -4.42 -9.89
CA LEU C 233 -19.66 -3.38 -9.41
C LEU C 233 -19.50 -3.44 -7.90
N LYS C 234 -20.56 -3.81 -7.17
CA LYS C 234 -20.47 -3.89 -5.72
C LYS C 234 -19.63 -5.07 -5.24
N LYS C 235 -19.48 -6.10 -6.06
CA LYS C 235 -18.76 -7.30 -5.63
C LYS C 235 -17.27 -7.20 -5.90
N TYR C 236 -16.87 -6.67 -7.06
CA TYR C 236 -15.47 -6.61 -7.46
C TYR C 236 -14.92 -5.20 -7.58
N HIS C 237 -15.77 -4.18 -7.65
CA HIS C 237 -15.34 -2.78 -7.70
C HIS C 237 -14.39 -2.54 -8.88
N ASN C 238 -14.67 -3.20 -10.00
CA ASN C 238 -13.90 -2.99 -11.21
C ASN C 238 -13.85 -1.50 -11.54
N THR C 239 -12.65 -1.01 -11.86
CA THR C 239 -12.42 0.41 -12.08
C THR C 239 -12.88 0.84 -13.48
N ILE C 240 -14.19 0.71 -13.70
CA ILE C 240 -14.83 1.17 -14.92
C ILE C 240 -15.26 2.61 -14.70
N CYS C 241 -14.57 3.54 -15.37
CA CYS C 241 -14.75 4.96 -15.04
C CYS C 241 -16.06 5.52 -15.58
N GLY C 242 -16.59 4.93 -16.64
CA GLY C 242 -17.87 5.39 -17.17
C GLY C 242 -19.02 4.53 -16.69
N ARG C 243 -18.91 3.97 -15.48
CA ARG C 243 -19.93 3.08 -14.98
C ARG C 243 -21.27 3.79 -14.80
N HIS C 244 -21.26 5.06 -14.42
CA HIS C 244 -22.52 5.78 -14.25
C HIS C 244 -23.20 6.05 -15.59
N PRO C 245 -22.51 6.52 -16.64
CA PRO C 245 -23.16 6.56 -17.96
C PRO C 245 -23.67 5.21 -18.42
N ILE C 246 -22.95 4.12 -18.12
CA ILE C 246 -23.39 2.80 -18.53
C ILE C 246 -24.67 2.40 -17.81
N GLY C 247 -24.71 2.63 -16.49
CA GLY C 247 -25.91 2.33 -15.74
C GLY C 247 -27.12 3.12 -16.20
N VAL C 248 -26.91 4.35 -16.66
CA VAL C 248 -28.01 5.13 -17.20
C VAL C 248 -28.51 4.50 -18.50
N LEU C 249 -27.58 4.09 -19.37
CA LEU C 249 -27.98 3.47 -20.63
C LEU C 249 -28.70 2.16 -20.39
N LEU C 250 -28.20 1.34 -19.47
CA LEU C 250 -28.83 0.05 -19.20
C LEU C 250 -30.26 0.23 -18.71
N ASN C 251 -30.50 1.25 -17.90
CA ASN C 251 -31.87 1.50 -17.41
C ASN C 251 -32.77 2.00 -18.53
N ALA C 252 -32.23 2.77 -19.48
CA ALA C 252 -33.03 3.21 -20.63
C ALA C 252 -33.45 2.02 -21.48
N ILE C 253 -32.58 1.02 -21.58
CA ILE C 253 -32.88 -0.17 -22.37
C ILE C 253 -34.02 -0.96 -21.76
N THR C 254 -33.97 -1.19 -20.45
CA THR C 254 -35.04 -1.95 -19.80
C THR C 254 -36.35 -1.19 -19.81
N GLU C 255 -36.31 0.14 -19.74
CA GLU C 255 -37.54 0.92 -19.84
C GLU C 255 -38.15 0.80 -21.23
N LEU C 256 -37.31 0.72 -22.26
CA LEU C 256 -37.82 0.51 -23.61
C LEU C 256 -38.27 -0.94 -23.81
N GLN C 257 -37.56 -1.88 -23.20
CA GLN C 257 -37.97 -3.28 -23.28
C GLN C 257 -39.30 -3.51 -22.57
N LYS C 258 -39.52 -2.80 -21.46
CA LYS C 258 -40.80 -2.89 -20.77
C LYS C 258 -41.95 -2.39 -21.64
N ASN C 259 -41.66 -1.62 -22.69
CA ASN C 259 -42.66 -1.07 -23.58
C ASN C 259 -42.77 -1.84 -24.89
N GLY C 260 -42.18 -3.02 -24.98
CA GLY C 260 -42.33 -3.90 -26.12
C GLY C 260 -41.15 -3.93 -27.06
N MET C 261 -40.24 -2.95 -26.98
CA MET C 261 -39.13 -2.90 -27.91
C MET C 261 -38.10 -3.97 -27.58
N ASN C 262 -37.57 -4.61 -28.63
CA ASN C 262 -36.60 -5.69 -28.49
C ASN C 262 -35.26 -5.24 -29.06
N MET C 263 -34.22 -5.29 -28.22
CA MET C 263 -32.90 -4.81 -28.59
C MET C 263 -31.85 -5.83 -28.20
N SER C 264 -30.64 -5.63 -28.72
CA SER C 264 -29.51 -6.52 -28.46
C SER C 264 -28.23 -5.71 -28.45
N PHE C 265 -27.39 -5.94 -27.44
CA PHE C 265 -26.09 -5.30 -27.35
C PHE C 265 -24.99 -6.34 -27.50
N SER C 266 -23.97 -6.02 -28.29
CA SER C 266 -22.85 -6.90 -28.52
C SER C 266 -21.55 -6.10 -28.49
N PHE C 267 -20.59 -6.56 -27.71
CA PHE C 267 -19.27 -5.98 -27.73
C PHE C 267 -18.48 -6.57 -28.89
N LEU C 268 -17.72 -5.71 -29.58
CA LEU C 268 -17.08 -6.08 -30.83
C LEU C 268 -15.56 -6.05 -30.79
N ASN C 269 -14.96 -5.47 -29.75
CA ASN C 269 -13.51 -5.40 -29.68
C ASN C 269 -13.10 -5.15 -28.23
N TYR C 270 -12.13 -5.92 -27.75
CA TYR C 270 -11.54 -5.75 -26.44
C TYR C 270 -10.03 -5.55 -26.61
N ALA C 271 -9.46 -4.68 -25.78
CA ALA C 271 -8.03 -4.41 -25.86
C ALA C 271 -7.54 -3.87 -24.53
N GLN C 272 -6.24 -4.03 -24.30
CA GLN C 272 -5.59 -3.52 -23.10
C GLN C 272 -4.40 -2.69 -23.52
N SER C 273 -4.18 -1.56 -22.81
CA SER C 273 -3.06 -0.69 -23.13
C SER C 273 -1.73 -1.41 -23.02
N SER C 274 -1.62 -2.37 -22.10
CA SER C 274 -0.45 -3.22 -21.98
C SER C 274 -0.87 -4.52 -21.30
N GLN C 275 0.04 -5.49 -21.28
CA GLN C 275 -0.22 -6.81 -20.70
C GLN C 275 0.49 -6.90 -19.35
N CYS C 276 -0.28 -6.82 -18.27
CA CYS C 276 0.30 -6.87 -16.93
C CYS C 276 0.73 -8.29 -16.59
N ARG C 277 1.94 -8.42 -16.05
CA ARG C 277 2.47 -9.73 -15.70
C ARG C 277 2.91 -9.78 -14.24
N ASN C 278 3.34 -8.65 -13.69
CA ASN C 278 3.77 -8.58 -12.30
C ASN C 278 3.05 -7.44 -11.60
N TRP C 279 3.28 -7.32 -10.29
CA TRP C 279 2.52 -6.38 -9.47
C TRP C 279 2.90 -4.93 -9.70
N GLN C 280 4.04 -4.68 -10.34
CA GLN C 280 4.49 -3.33 -10.65
C GLN C 280 3.96 -2.83 -12.00
N ASP C 281 3.20 -3.64 -12.71
CA ASP C 281 2.65 -3.28 -14.01
C ASP C 281 1.32 -2.56 -13.87
N SER C 282 0.90 -1.91 -14.95
CA SER C 282 -0.37 -1.22 -14.98
C SER C 282 -0.90 -1.19 -16.40
N SER C 283 -2.22 -1.18 -16.54
CA SER C 283 -2.85 -1.18 -17.85
C SER C 283 -4.27 -0.65 -17.73
N VAL C 284 -4.79 -0.20 -18.87
CA VAL C 284 -6.16 0.28 -18.99
C VAL C 284 -6.82 -0.50 -20.12
N SER C 285 -8.03 -0.99 -19.87
CA SER C 285 -8.75 -1.81 -20.84
C SER C 285 -9.73 -0.96 -21.65
N TYR C 286 -9.93 -1.35 -22.91
CA TYR C 286 -10.81 -0.66 -23.82
C TYR C 286 -11.77 -1.65 -24.45
N ALA C 287 -13.05 -1.28 -24.52
CA ALA C 287 -14.08 -2.13 -25.09
C ALA C 287 -15.02 -1.30 -25.95
N ALA C 288 -15.34 -1.80 -27.14
CA ALA C 288 -16.24 -1.12 -28.07
C ALA C 288 -17.44 -2.02 -28.35
N GLY C 289 -18.64 -1.47 -28.19
CA GLY C 289 -19.87 -2.23 -28.39
C GLY C 289 -20.95 -1.37 -29.02
N ALA C 290 -22.01 -2.04 -29.46
CA ALA C 290 -23.10 -1.37 -30.14
C ALA C 290 -24.44 -1.96 -29.71
N LEU C 291 -25.48 -1.14 -29.65
CA LEU C 291 -26.86 -1.60 -29.38
C LEU C 291 -27.64 -1.46 -30.68
N THR C 292 -28.34 -2.50 -31.11
CA THR C 292 -29.18 -2.43 -32.32
C THR C 292 -30.62 -2.77 -31.94
N VAL C 293 -31.58 -2.05 -32.51
CA VAL C 293 -33.03 -2.31 -32.25
C VAL C 293 -33.57 -3.21 -33.34
N HIS C 294 -34.33 -4.24 -32.97
CA HIS C 294 -34.91 -5.18 -33.93
C HIS C 294 -36.44 -5.28 -33.79
N VAL D 2 12.21 -32.02 27.45
CA VAL D 2 12.83 -33.34 27.37
C VAL D 2 11.77 -34.39 27.01
N VAL D 3 10.91 -34.69 27.98
CA VAL D 3 9.84 -35.66 27.76
C VAL D 3 8.48 -35.01 27.63
N CYS D 4 8.31 -33.76 28.04
CA CYS D 4 7.01 -33.10 28.08
C CYS D 4 7.06 -31.77 27.35
N ARG D 5 6.03 -31.51 26.55
CA ARG D 5 5.80 -30.18 25.99
C ARG D 5 5.01 -29.37 27.01
N GLU D 6 5.60 -28.27 27.49
CA GLU D 6 4.90 -27.44 28.46
C GLU D 6 3.75 -26.70 27.79
N ALA D 7 2.71 -26.43 28.58
CA ALA D 7 1.58 -25.62 28.13
C ALA D 7 2.05 -24.17 28.03
N SER D 8 2.77 -23.87 26.95
CA SER D 8 3.50 -22.61 26.84
C SER D 8 2.59 -21.40 26.75
N HIS D 9 1.32 -21.57 26.36
CA HIS D 9 0.40 -20.46 26.22
C HIS D 9 -0.64 -20.42 27.33
N ALA D 10 -0.47 -21.21 28.38
CA ALA D 10 -1.39 -21.12 29.52
C ALA D 10 -1.13 -19.84 30.28
N GLY D 11 -2.21 -19.20 30.74
CA GLY D 11 -2.09 -17.92 31.41
C GLY D 11 -2.34 -16.73 30.49
N SER D 12 -1.88 -16.85 29.24
CA SER D 12 -2.06 -15.80 28.24
C SER D 12 -3.28 -16.05 27.38
N TRP D 13 -3.29 -17.16 26.64
CA TRP D 13 -4.41 -17.48 25.77
C TRP D 13 -5.55 -18.18 26.49
N TYR D 14 -5.28 -18.76 27.66
CA TYR D 14 -6.31 -19.38 28.48
C TYR D 14 -5.77 -19.51 29.90
N THR D 15 -6.69 -19.63 30.85
CA THR D 15 -6.30 -19.67 32.26
C THR D 15 -5.39 -20.86 32.53
N ALA D 16 -4.28 -20.60 33.21
CA ALA D 16 -3.32 -21.64 33.54
C ALA D 16 -3.77 -22.55 34.68
N SER D 17 -4.83 -22.18 35.39
CA SER D 17 -5.33 -23.00 36.49
C SER D 17 -6.25 -24.08 35.94
N GLY D 18 -5.90 -25.33 36.16
CA GLY D 18 -6.67 -26.46 35.69
C GLY D 18 -8.10 -26.46 36.22
N PRO D 19 -8.23 -26.46 37.54
CA PRO D 19 -9.58 -26.35 38.13
C PRO D 19 -10.39 -25.19 37.58
N GLN D 20 -9.78 -24.00 37.43
CA GLN D 20 -10.49 -22.87 36.86
C GLN D 20 -10.83 -23.13 35.39
N LEU D 21 -9.89 -23.68 34.63
CA LEU D 21 -10.17 -24.02 33.24
C LEU D 21 -11.28 -25.05 33.14
N ASN D 22 -11.27 -26.03 34.04
CA ASN D 22 -12.29 -27.09 34.03
C ASN D 22 -13.69 -26.48 34.07
N ALA D 23 -13.89 -25.46 34.90
CA ALA D 23 -15.22 -24.85 35.01
C ALA D 23 -15.61 -24.10 33.73
N GLN D 24 -14.66 -23.41 33.10
CA GLN D 24 -14.98 -22.62 31.91
C GLN D 24 -15.42 -23.51 30.76
N LEU D 25 -14.60 -24.51 30.42
CA LEU D 25 -14.94 -25.43 29.34
C LEU D 25 -16.24 -26.17 29.61
N GLU D 26 -16.47 -26.59 30.86
CA GLU D 26 -17.75 -27.21 31.22
C GLU D 26 -18.91 -26.27 30.91
N GLY D 27 -18.75 -24.99 31.26
CA GLY D 27 -19.82 -24.02 31.03
C GLY D 27 -20.08 -23.79 29.54
N TRP D 28 -19.02 -23.67 28.74
CA TRP D 28 -19.21 -23.47 27.31
C TRP D 28 -19.86 -24.71 26.67
N LEU D 29 -19.44 -25.90 27.10
CA LEU D 29 -20.05 -27.11 26.59
C LEU D 29 -21.45 -27.33 27.15
N SER D 30 -21.79 -26.65 28.25
CA SER D 30 -23.11 -26.77 28.83
C SER D 30 -24.18 -26.14 27.94
N GLN D 31 -23.84 -25.06 27.23
CA GLN D 31 -24.78 -24.33 26.40
C GLN D 31 -24.92 -24.90 24.99
N VAL D 32 -24.31 -26.05 24.72
CA VAL D 32 -24.31 -26.66 23.39
C VAL D 32 -25.01 -28.01 23.47
N GLN D 33 -25.90 -28.28 22.52
CA GLN D 33 -26.60 -29.55 22.41
C GLN D 33 -25.90 -30.45 21.38
N SER D 34 -25.63 -31.69 21.77
CA SER D 34 -24.96 -32.63 20.89
C SER D 34 -25.90 -33.06 19.76
N THR D 35 -25.44 -32.89 18.51
CA THR D 35 -26.27 -33.22 17.36
C THR D 35 -25.56 -34.03 16.28
N LYS D 36 -24.24 -34.15 16.32
CA LYS D 36 -23.51 -34.84 15.24
C LYS D 36 -22.63 -35.96 15.78
N ARG D 37 -22.98 -36.52 16.94
CA ARG D 37 -22.19 -37.62 17.48
C ARG D 37 -22.45 -38.89 16.67
N PRO D 38 -21.42 -39.70 16.42
CA PRO D 38 -20.03 -39.41 16.80
C PRO D 38 -19.25 -38.73 15.69
N ALA D 39 -18.61 -37.60 16.01
CA ALA D 39 -17.88 -36.84 15.00
C ALA D 39 -16.61 -37.59 14.60
N ARG D 40 -16.42 -37.77 13.29
CA ARG D 40 -15.18 -38.32 12.80
C ARG D 40 -14.11 -37.26 12.64
N ALA D 41 -14.51 -36.03 12.33
CA ALA D 41 -13.58 -34.91 12.25
C ALA D 41 -14.31 -33.64 12.70
N ILE D 42 -13.54 -32.65 13.13
CA ILE D 42 -14.09 -31.35 13.52
C ILE D 42 -13.17 -30.25 13.01
N ILE D 43 -13.75 -29.08 12.77
CA ILE D 43 -13.01 -27.85 12.51
C ILE D 43 -13.33 -26.87 13.63
N ALA D 44 -12.30 -26.37 14.28
CA ALA D 44 -12.47 -25.53 15.46
C ALA D 44 -11.44 -24.41 15.48
N PRO D 45 -11.79 -23.24 16.03
CA PRO D 45 -10.84 -22.13 16.06
C PRO D 45 -9.72 -22.35 17.07
N HIS D 46 -8.65 -21.57 16.91
CA HIS D 46 -7.48 -21.67 17.77
C HIS D 46 -7.07 -20.29 18.31
N ALA D 47 -8.03 -19.40 18.48
CA ALA D 47 -7.76 -18.11 19.12
C ALA D 47 -7.81 -18.28 20.63
N GLY D 48 -7.70 -17.18 21.36
CA GLY D 48 -7.85 -17.24 22.81
C GLY D 48 -9.26 -17.66 23.20
N TYR D 49 -9.34 -18.42 24.30
CA TYR D 49 -10.63 -18.95 24.74
C TYR D 49 -11.61 -17.84 25.09
N THR D 50 -11.11 -16.67 25.50
CA THR D 50 -11.99 -15.55 25.80
C THR D 50 -12.71 -15.01 24.57
N TYR D 51 -12.20 -15.29 23.37
CA TYR D 51 -12.82 -14.86 22.12
C TYR D 51 -13.62 -15.96 21.45
N CYS D 52 -13.08 -17.18 21.37
CA CYS D 52 -13.69 -18.25 20.58
C CYS D 52 -14.08 -19.45 21.44
N GLY D 53 -14.06 -19.32 22.77
CA GLY D 53 -14.31 -20.49 23.61
C GLY D 53 -15.70 -21.07 23.44
N SER D 54 -16.73 -20.21 23.50
CA SER D 54 -18.09 -20.69 23.35
C SER D 54 -18.35 -21.25 21.96
N CYS D 55 -17.66 -20.72 20.94
CA CYS D 55 -17.84 -21.22 19.58
C CYS D 55 -17.24 -22.62 19.43
N ALA D 56 -16.01 -22.82 19.91
CA ALA D 56 -15.35 -24.11 19.77
C ALA D 56 -16.12 -25.23 20.48
N ALA D 57 -16.89 -24.88 21.52
CA ALA D 57 -17.66 -25.88 22.23
C ALA D 57 -18.71 -26.54 21.34
N HIS D 58 -19.16 -25.83 20.30
CA HIS D 58 -20.13 -26.42 19.38
C HIS D 58 -19.55 -27.60 18.61
N ALA D 59 -18.23 -27.61 18.42
CA ALA D 59 -17.57 -28.73 17.76
C ALA D 59 -17.20 -29.83 18.74
N TYR D 60 -16.69 -29.47 19.93
CA TYR D 60 -16.22 -30.49 20.87
C TYR D 60 -17.37 -31.22 21.56
N LYS D 61 -18.56 -30.62 21.63
CA LYS D 61 -19.71 -31.34 22.16
C LYS D 61 -20.16 -32.48 21.25
N GLN D 62 -19.70 -32.49 20.00
CA GLN D 62 -20.06 -33.54 19.05
C GLN D 62 -19.14 -34.75 19.15
N VAL D 63 -18.09 -34.67 19.95
CA VAL D 63 -17.20 -35.81 20.16
C VAL D 63 -17.84 -36.74 21.19
N ASP D 64 -17.90 -38.03 20.86
CA ASP D 64 -18.38 -39.03 21.81
C ASP D 64 -17.17 -39.72 22.44
N PRO D 65 -16.85 -39.47 23.69
CA PRO D 65 -15.63 -40.05 24.28
C PRO D 65 -15.68 -41.57 24.43
N SER D 66 -16.86 -42.19 24.36
CA SER D 66 -16.94 -43.63 24.44
C SER D 66 -16.58 -44.32 23.13
N ILE D 67 -16.37 -43.56 22.05
CA ILE D 67 -16.04 -44.11 20.74
C ILE D 67 -14.64 -43.69 20.31
N THR D 68 -14.34 -42.40 20.39
CA THR D 68 -13.05 -41.91 19.92
C THR D 68 -11.94 -42.33 20.89
N ARG D 69 -10.82 -42.81 20.35
CA ARG D 69 -9.68 -43.22 21.15
C ARG D 69 -8.34 -42.65 20.69
N ARG D 70 -8.23 -42.18 19.45
CA ARG D 70 -7.01 -41.58 18.93
C ARG D 70 -7.39 -40.30 18.22
N ILE D 71 -6.78 -39.18 18.63
CA ILE D 71 -7.19 -37.86 18.19
C ILE D 71 -6.04 -37.19 17.45
N PHE D 72 -6.17 -37.08 16.13
CA PHE D 72 -5.25 -36.31 15.32
C PHE D 72 -5.62 -34.83 15.43
N ILE D 73 -4.62 -33.98 15.70
CA ILE D 73 -4.81 -32.53 15.76
C ILE D 73 -3.89 -31.91 14.72
N LEU D 74 -4.47 -31.37 13.66
CA LEU D 74 -3.72 -30.76 12.56
C LEU D 74 -3.88 -29.25 12.68
N GLY D 75 -2.78 -28.57 12.98
CA GLY D 75 -2.80 -27.13 13.11
C GLY D 75 -1.80 -26.45 12.21
N PRO D 76 -2.13 -25.25 11.72
CA PRO D 76 -1.21 -24.52 10.85
C PRO D 76 -0.08 -23.90 11.63
N SER D 77 1.09 -23.83 10.98
CA SER D 77 2.26 -23.20 11.56
C SER D 77 2.20 -21.69 11.35
N HIS D 78 2.54 -20.94 12.39
CA HIS D 78 2.50 -19.48 12.35
C HIS D 78 3.88 -18.84 12.43
N HIS D 79 4.89 -19.56 12.89
CA HIS D 79 6.22 -18.99 13.12
C HIS D 79 7.35 -19.69 12.40
N VAL D 80 7.17 -20.91 11.90
CA VAL D 80 8.26 -21.72 11.38
C VAL D 80 8.07 -21.95 9.88
N PRO D 81 9.13 -21.82 9.07
CA PRO D 81 9.02 -22.15 7.63
C PRO D 81 8.87 -23.65 7.45
N LEU D 82 7.74 -24.06 6.91
CA LEU D 82 7.42 -25.48 6.76
C LEU D 82 6.71 -25.69 5.43
N SER D 83 7.34 -26.47 4.54
CA SER D 83 6.72 -26.83 3.27
C SER D 83 6.05 -28.20 3.32
N ARG D 84 6.21 -28.93 4.41
CA ARG D 84 5.57 -30.23 4.57
C ARG D 84 4.80 -30.28 5.88
N CYS D 85 4.75 -31.45 6.52
CA CYS D 85 4.15 -31.58 7.84
C CYS D 85 5.22 -32.04 8.83
N ALA D 86 5.02 -31.67 10.09
CA ALA D 86 6.01 -31.92 11.13
C ALA D 86 5.37 -32.66 12.30
N LEU D 87 6.17 -33.54 12.91
CA LEU D 87 5.78 -34.30 14.08
C LEU D 87 6.54 -33.79 15.30
N SER D 88 5.94 -33.99 16.48
CA SER D 88 6.55 -33.52 17.70
C SER D 88 7.76 -34.38 18.06
N SER D 89 8.66 -33.81 18.87
CA SER D 89 9.83 -34.53 19.34
C SER D 89 9.69 -35.06 20.76
N VAL D 90 8.64 -34.66 21.48
CA VAL D 90 8.40 -35.17 22.82
C VAL D 90 7.37 -36.28 22.76
N ASP D 91 6.97 -36.77 23.94
CA ASP D 91 5.99 -37.85 24.05
C ASP D 91 4.74 -37.46 24.82
N ILE D 92 4.76 -36.35 25.56
CA ILE D 92 3.66 -35.93 26.40
C ILE D 92 3.37 -34.45 26.13
N TYR D 93 2.10 -34.13 25.96
CA TYR D 93 1.64 -32.74 25.85
C TYR D 93 0.93 -32.39 27.15
N ARG D 94 1.41 -31.35 27.83
CA ARG D 94 0.84 -30.96 29.11
C ARG D 94 -0.31 -29.98 28.89
N THR D 95 -1.35 -30.13 29.72
CA THR D 95 -2.47 -29.22 29.79
C THR D 95 -2.77 -28.95 31.26
N PRO D 96 -3.39 -27.81 31.57
CA PRO D 96 -3.78 -27.56 32.97
C PRO D 96 -4.74 -28.60 33.52
N LEU D 97 -5.52 -29.27 32.68
CA LEU D 97 -6.43 -30.30 33.15
C LEU D 97 -5.73 -31.61 33.50
N TYR D 98 -5.15 -32.26 32.49
CA TYR D 98 -4.28 -33.41 32.70
C TYR D 98 -3.46 -33.57 31.43
N ASP D 99 -2.31 -34.21 31.57
CA ASP D 99 -1.38 -34.33 30.45
C ASP D 99 -1.86 -35.37 29.45
N LEU D 100 -1.57 -35.13 28.18
CA LEU D 100 -2.01 -35.99 27.09
C LEU D 100 -0.82 -36.73 26.49
N ARG D 101 -1.05 -37.99 26.13
CA ARG D 101 -0.01 -38.87 25.63
C ARG D 101 -0.06 -38.96 24.11
N ILE D 102 1.11 -38.89 23.48
CA ILE D 102 1.20 -39.01 22.04
C ILE D 102 1.23 -40.49 21.67
N ASP D 103 0.41 -40.86 20.68
CA ASP D 103 0.34 -42.24 20.20
C ASP D 103 1.66 -42.58 19.51
N GLN D 104 2.50 -43.36 20.19
CA GLN D 104 3.81 -43.68 19.63
C GLN D 104 3.71 -44.67 18.47
N LYS D 105 2.69 -45.53 18.49
CA LYS D 105 2.50 -46.47 17.39
C LYS D 105 2.15 -45.75 16.10
N ILE D 106 1.18 -44.84 16.16
CA ILE D 106 0.78 -44.11 14.96
C ILE D 106 1.89 -43.16 14.52
N TYR D 107 2.59 -42.55 15.48
CA TYR D 107 3.70 -41.68 15.15
C TYR D 107 4.78 -42.44 14.39
N GLY D 108 5.04 -43.68 14.78
CA GLY D 108 5.98 -44.51 14.04
C GLY D 108 5.48 -44.85 12.65
N GLU D 109 4.18 -45.11 12.52
CA GLU D 109 3.60 -45.37 11.20
C GLU D 109 3.71 -44.14 10.31
N LEU D 110 3.41 -42.96 10.88
CA LEU D 110 3.52 -41.73 10.10
C LEU D 110 4.97 -41.41 9.76
N TRP D 111 5.88 -41.64 10.70
CA TRP D 111 7.29 -41.34 10.45
C TRP D 111 7.88 -42.28 9.40
N LYS D 112 7.44 -43.53 9.37
CA LYS D 112 7.95 -44.48 8.40
C LYS D 112 7.53 -44.17 6.97
N THR D 113 6.60 -43.23 6.77
CA THR D 113 6.26 -42.81 5.42
C THR D 113 7.30 -41.90 4.81
N GLY D 114 8.13 -41.24 5.62
CA GLY D 114 9.11 -40.32 5.11
C GLY D 114 8.57 -38.97 4.66
N MET D 115 7.28 -38.70 4.90
CA MET D 115 6.67 -37.45 4.48
C MET D 115 6.72 -36.36 5.54
N PHE D 116 7.08 -36.68 6.77
CA PHE D 116 7.04 -35.73 7.87
C PHE D 116 8.45 -35.33 8.31
N GLU D 117 8.53 -34.13 8.86
CA GLU D 117 9.75 -33.60 9.48
C GLU D 117 9.59 -33.60 11.00
N ARG D 118 10.72 -33.40 11.67
CA ARG D 118 10.74 -33.34 13.13
C ARG D 118 10.83 -31.89 13.56
N MET D 119 9.79 -31.41 14.25
CA MET D 119 9.79 -30.04 14.74
C MET D 119 10.44 -29.99 16.11
N SER D 120 11.27 -28.98 16.33
CA SER D 120 12.03 -28.87 17.56
C SER D 120 11.10 -28.61 18.75
N LEU D 121 11.66 -28.78 19.95
CA LEU D 121 10.90 -28.48 21.16
C LEU D 121 10.55 -27.00 21.22
N GLN D 122 11.49 -26.14 20.85
CA GLN D 122 11.21 -24.70 20.81
C GLN D 122 10.12 -24.39 19.78
N THR D 123 10.23 -24.97 18.58
CA THR D 123 9.18 -24.82 17.59
C THR D 123 7.84 -25.32 18.12
N ASP D 124 7.85 -26.47 18.80
CA ASP D 124 6.63 -27.06 19.34
C ASP D 124 5.96 -26.12 20.34
N GLU D 125 6.71 -25.65 21.33
CA GLU D 125 6.13 -24.82 22.37
C GLU D 125 5.80 -23.41 21.87
N ASP D 126 6.49 -22.94 20.83
CA ASP D 126 6.20 -21.61 20.31
C ASP D 126 4.86 -21.57 19.59
N GLU D 127 4.52 -22.64 18.87
CA GLU D 127 3.25 -22.69 18.16
C GLU D 127 2.07 -22.82 19.13
N HIS D 128 0.93 -22.27 18.72
CA HIS D 128 -0.29 -22.31 19.51
C HIS D 128 -1.46 -22.97 18.80
N SER D 129 -1.38 -23.20 17.48
CA SER D 129 -2.53 -23.69 16.74
C SER D 129 -2.90 -25.11 17.15
N ILE D 130 -1.94 -25.90 17.63
CA ILE D 130 -2.24 -27.22 18.17
C ILE D 130 -2.61 -27.14 19.65
N GLU D 131 -1.87 -26.31 20.41
CA GLU D 131 -2.06 -26.26 21.85
C GLU D 131 -3.48 -25.83 22.23
N MET D 132 -4.08 -24.93 21.43
CA MET D 132 -5.40 -24.43 21.75
C MET D 132 -6.46 -25.52 21.79
N HIS D 133 -6.16 -26.70 21.23
CA HIS D 133 -7.11 -27.81 21.22
C HIS D 133 -6.83 -28.86 22.29
N LEU D 134 -5.70 -28.76 23.00
CA LEU D 134 -5.41 -29.75 24.04
C LEU D 134 -6.36 -29.66 25.22
N PRO D 135 -6.63 -28.49 25.81
CA PRO D 135 -7.58 -28.46 26.94
C PRO D 135 -8.97 -28.91 26.57
N TYR D 136 -9.47 -28.50 25.39
CA TYR D 136 -10.78 -28.93 24.95
C TYR D 136 -10.81 -30.44 24.71
N THR D 137 -9.76 -30.99 24.12
CA THR D 137 -9.69 -32.43 23.90
C THR D 137 -9.75 -33.18 25.23
N ALA D 138 -8.95 -32.76 26.20
CA ALA D 138 -8.95 -33.41 27.50
C ALA D 138 -10.30 -33.28 28.18
N LYS D 139 -10.99 -32.16 27.98
CA LYS D 139 -12.30 -31.98 28.60
C LYS D 139 -13.33 -32.92 28.01
N ALA D 140 -13.38 -33.01 26.67
CA ALA D 140 -14.36 -33.87 26.02
C ALA D 140 -14.04 -35.34 26.18
N MET D 141 -12.81 -35.69 26.56
CA MET D 141 -12.38 -37.07 26.68
C MET D 141 -12.13 -37.48 28.12
N GLU D 142 -12.55 -36.67 29.09
CA GLU D 142 -12.22 -36.95 30.48
C GLU D 142 -12.91 -38.21 31.00
N SER D 143 -14.00 -38.64 30.37
CA SER D 143 -14.66 -39.87 30.78
C SER D 143 -13.77 -41.09 30.55
N HIS D 144 -12.87 -41.03 29.58
CA HIS D 144 -11.90 -42.08 29.30
C HIS D 144 -10.49 -41.49 29.27
N LYS D 145 -10.16 -40.73 30.31
CA LYS D 145 -8.93 -39.93 30.32
C LYS D 145 -7.68 -40.78 30.16
N ASP D 146 -7.73 -42.06 30.55
CA ASP D 146 -6.56 -42.92 30.51
C ASP D 146 -6.60 -43.92 29.35
N GLU D 147 -7.54 -43.80 28.42
CA GLU D 147 -7.62 -44.73 27.31
C GLU D 147 -7.48 -44.09 25.92
N PHE D 148 -7.04 -42.84 25.82
CA PHE D 148 -6.96 -42.17 24.53
C PHE D 148 -5.60 -41.52 24.33
N THR D 149 -5.22 -41.37 23.06
CA THR D 149 -3.96 -40.75 22.67
C THR D 149 -4.23 -39.60 21.71
N ILE D 150 -3.18 -38.81 21.46
CA ILE D 150 -3.26 -37.69 20.53
C ILE D 150 -2.13 -37.82 19.51
N ILE D 151 -2.37 -37.27 18.32
CA ILE D 151 -1.39 -37.30 17.24
C ILE D 151 -1.21 -35.87 16.73
N PRO D 152 -0.28 -35.10 17.30
CA PRO D 152 -0.10 -33.71 16.86
C PRO D 152 0.63 -33.66 15.52
N VAL D 153 0.12 -32.84 14.61
CA VAL D 153 0.71 -32.67 13.28
C VAL D 153 0.69 -31.18 12.95
N LEU D 154 1.87 -30.58 12.84
CA LEU D 154 1.99 -29.20 12.40
C LEU D 154 1.95 -29.15 10.88
N VAL D 155 1.02 -28.37 10.33
CA VAL D 155 0.82 -28.29 8.89
C VAL D 155 1.43 -26.99 8.38
N GLY D 156 2.34 -27.10 7.42
CA GLY D 156 3.02 -25.95 6.86
C GLY D 156 2.35 -25.44 5.61
N ALA D 157 3.12 -24.65 4.85
CA ALA D 157 2.64 -24.05 3.61
C ALA D 157 2.63 -25.13 2.53
N LEU D 158 1.56 -25.92 2.53
CA LEU D 158 1.46 -27.08 1.67
C LEU D 158 1.03 -26.70 0.26
N SER D 159 1.68 -27.32 -0.73
CA SER D 159 1.21 -27.19 -2.10
C SER D 159 -0.09 -27.98 -2.29
N GLU D 160 -0.76 -27.72 -3.41
CA GLU D 160 -1.99 -28.45 -3.71
C GLU D 160 -1.74 -29.94 -3.83
N SER D 161 -0.64 -30.34 -4.46
CA SER D 161 -0.30 -31.76 -4.56
C SER D 161 0.00 -32.35 -3.19
N LYS D 162 0.68 -31.59 -2.32
CA LYS D 162 0.99 -32.09 -0.99
C LYS D 162 -0.26 -32.22 -0.13
N GLU D 163 -1.25 -31.34 -0.33
CA GLU D 163 -2.51 -31.47 0.39
C GLU D 163 -3.24 -32.76 0.01
N GLN D 164 -3.14 -33.16 -1.25
CA GLN D 164 -3.76 -34.40 -1.68
C GLN D 164 -2.96 -35.61 -1.20
N GLU D 165 -1.62 -35.53 -1.27
CA GLU D 165 -0.79 -36.64 -0.80
C GLU D 165 -1.00 -36.88 0.70
N PHE D 166 -0.95 -35.82 1.50
CA PHE D 166 -1.21 -35.97 2.92
C PHE D 166 -2.68 -36.34 3.18
N GLY D 167 -3.59 -35.83 2.34
CA GLY D 167 -4.99 -36.18 2.51
C GLY D 167 -5.26 -37.65 2.24
N LYS D 168 -4.64 -38.20 1.19
CA LYS D 168 -4.78 -39.63 0.93
C LYS D 168 -4.13 -40.46 2.02
N LEU D 169 -3.02 -39.97 2.59
CA LEU D 169 -2.35 -40.69 3.67
C LEU D 169 -3.23 -40.74 4.92
N PHE D 170 -3.76 -39.60 5.33
CA PHE D 170 -4.58 -39.56 6.54
C PHE D 170 -5.96 -40.19 6.33
N SER D 171 -6.35 -40.44 5.08
CA SER D 171 -7.65 -41.04 4.81
C SER D 171 -7.77 -42.43 5.43
N LYS D 172 -6.66 -43.18 5.48
CA LYS D 172 -6.70 -44.50 6.08
C LYS D 172 -7.05 -44.44 7.56
N TYR D 173 -6.64 -43.38 8.24
CA TYR D 173 -7.01 -43.20 9.64
C TYR D 173 -8.39 -42.58 9.81
N LEU D 174 -8.78 -41.70 8.89
CA LEU D 174 -10.10 -41.08 8.96
C LEU D 174 -11.21 -42.12 8.84
N ALA D 175 -10.95 -43.25 8.20
CA ALA D 175 -11.97 -44.27 8.03
C ALA D 175 -12.26 -45.04 9.31
N ASP D 176 -11.35 -45.03 10.28
CA ASP D 176 -11.58 -45.74 11.54
C ASP D 176 -12.52 -44.93 12.43
N PRO D 177 -13.63 -45.51 12.89
CA PRO D 177 -14.53 -44.76 13.80
C PRO D 177 -13.90 -44.37 15.12
N SER D 178 -12.87 -45.07 15.58
CA SER D 178 -12.21 -44.72 16.83
C SER D 178 -11.26 -43.54 16.69
N ASN D 179 -11.12 -42.98 15.49
CA ASN D 179 -10.20 -41.89 15.24
C ASN D 179 -10.97 -40.59 15.09
N LEU D 180 -10.34 -39.49 15.50
CA LEU D 180 -10.91 -38.17 15.36
C LEU D 180 -9.83 -37.24 14.81
N PHE D 181 -10.21 -36.39 13.87
CA PHE D 181 -9.29 -35.44 13.26
C PHE D 181 -9.77 -34.04 13.62
N VAL D 182 -8.99 -33.34 14.44
CA VAL D 182 -9.25 -31.95 14.77
C VAL D 182 -8.46 -31.09 13.79
N VAL D 183 -9.17 -30.31 12.99
CA VAL D 183 -8.56 -29.40 12.02
C VAL D 183 -8.63 -28.00 12.61
N SER D 184 -7.48 -27.40 12.87
CA SER D 184 -7.39 -26.12 13.54
C SER D 184 -7.39 -24.99 12.51
N SER D 185 -8.32 -24.05 12.68
CA SER D 185 -8.35 -22.92 11.76
C SER D 185 -9.23 -21.82 12.34
N ASP D 186 -8.75 -20.59 12.22
CA ASP D 186 -9.61 -19.43 12.31
C ASP D 186 -10.08 -19.05 10.90
N PHE D 187 -11.08 -18.19 10.82
CA PHE D 187 -11.51 -17.74 9.50
C PHE D 187 -11.08 -16.30 9.27
N CYS D 188 -11.90 -15.51 8.57
CA CYS D 188 -11.44 -14.25 8.01
C CYS D 188 -10.80 -13.35 9.05
N HIS D 189 -9.54 -12.98 8.80
CA HIS D 189 -8.87 -11.89 9.51
C HIS D 189 -9.07 -10.65 8.65
N TRP D 190 -10.00 -9.79 9.05
CA TRP D 190 -10.34 -8.60 8.29
C TRP D 190 -9.78 -7.36 8.97
N GLY D 191 -9.27 -6.43 8.16
CA GLY D 191 -8.79 -5.17 8.69
C GLY D 191 -7.45 -4.76 8.09
N GLN D 192 -7.09 -3.49 8.27
CA GLN D 192 -5.79 -3.02 7.76
C GLN D 192 -4.64 -3.72 8.46
N ARG D 193 -4.79 -4.04 9.75
CA ARG D 193 -3.75 -4.75 10.47
C ARG D 193 -3.45 -6.11 9.85
N PHE D 194 -4.44 -6.71 9.20
CA PHE D 194 -4.26 -7.98 8.50
C PHE D 194 -4.02 -7.83 7.00
N ARG D 195 -3.95 -6.59 6.50
CA ARG D 195 -3.75 -6.32 5.08
C ARG D 195 -4.79 -7.01 4.21
N TYR D 196 -6.03 -7.07 4.71
CA TYR D 196 -7.14 -7.67 4.00
C TYR D 196 -8.38 -6.83 4.22
N SER D 197 -8.89 -6.22 3.14
CA SER D 197 -10.02 -5.30 3.26
C SER D 197 -11.06 -5.55 2.18
N TYR D 198 -11.20 -6.80 1.72
CA TYR D 198 -12.21 -7.11 0.72
C TYR D 198 -13.60 -6.83 1.27
N TYR D 199 -14.42 -6.15 0.47
CA TYR D 199 -15.74 -5.72 0.91
C TYR D 199 -16.71 -5.83 -0.25
N ASP D 200 -17.76 -6.63 -0.08
CA ASP D 200 -18.83 -6.76 -1.06
C ASP D 200 -19.96 -5.85 -0.58
N GLU D 201 -20.13 -4.72 -1.26
CA GLU D 201 -21.11 -3.72 -0.85
C GLU D 201 -22.54 -4.21 -0.97
N SER D 202 -22.80 -5.21 -1.82
CA SER D 202 -24.16 -5.75 -1.94
C SER D 202 -24.62 -6.43 -0.66
N GLN D 203 -23.69 -6.91 0.18
CA GLN D 203 -24.05 -7.57 1.43
C GLN D 203 -24.39 -6.59 2.55
N GLY D 204 -24.30 -5.29 2.30
CA GLY D 204 -24.64 -4.31 3.33
C GLY D 204 -23.40 -3.90 4.11
N GLU D 205 -23.51 -3.96 5.44
CA GLU D 205 -22.43 -3.52 6.30
C GLU D 205 -21.22 -4.44 6.14
N ILE D 206 -20.08 -3.95 6.65
CA ILE D 206 -18.82 -4.69 6.51
C ILE D 206 -18.91 -6.04 7.19
N TYR D 207 -19.45 -6.08 8.41
CA TYR D 207 -19.54 -7.35 9.14
C TYR D 207 -20.46 -8.34 8.44
N ARG D 208 -21.49 -7.86 7.74
CA ARG D 208 -22.32 -8.76 6.94
C ARG D 208 -21.58 -9.26 5.72
N SER D 209 -20.73 -8.42 5.13
CA SER D 209 -19.90 -8.87 4.00
C SER D 209 -18.88 -9.90 4.46
N ILE D 210 -18.30 -9.71 5.64
CA ILE D 210 -17.40 -10.72 6.19
C ILE D 210 -18.13 -12.03 6.43
N GLU D 211 -19.35 -11.95 6.98
CA GLU D 211 -20.12 -13.17 7.20
C GLU D 211 -20.41 -13.89 5.90
N HIS D 212 -20.80 -13.15 4.86
CA HIS D 212 -21.08 -13.78 3.58
C HIS D 212 -19.82 -14.42 2.98
N LEU D 213 -18.68 -13.74 3.10
CA LEU D 213 -17.45 -14.31 2.56
C LEU D 213 -17.07 -15.58 3.29
N ASP D 214 -17.14 -15.57 4.62
CA ASP D 214 -16.78 -16.75 5.40
C ASP D 214 -17.71 -17.92 5.09
N LYS D 215 -19.02 -17.66 5.09
CA LYS D 215 -19.99 -18.74 4.88
C LYS D 215 -19.98 -19.26 3.44
N MET D 216 -19.45 -18.47 2.50
CA MET D 216 -19.21 -18.98 1.16
C MET D 216 -18.22 -20.13 1.20
N GLY D 217 -17.11 -19.96 1.92
CA GLY D 217 -16.14 -21.03 2.07
C GLY D 217 -16.62 -22.16 2.95
N MET D 218 -17.42 -21.84 3.97
CA MET D 218 -17.97 -22.87 4.84
C MET D 218 -18.90 -23.79 4.06
N SER D 219 -19.72 -23.22 3.16
CA SER D 219 -20.60 -24.03 2.35
C SER D 219 -19.79 -24.92 1.40
N ILE D 220 -18.70 -24.40 0.86
CA ILE D 220 -17.85 -25.19 -0.03
C ILE D 220 -17.25 -26.38 0.72
N ILE D 221 -16.82 -26.15 1.97
CA ILE D 221 -16.34 -27.24 2.81
C ILE D 221 -17.44 -28.26 3.04
N GLU D 222 -18.67 -27.77 3.25
CA GLU D 222 -19.81 -28.66 3.44
C GLU D 222 -20.13 -29.46 2.18
N GLN D 223 -19.64 -29.01 1.02
CA GLN D 223 -19.77 -29.79 -0.21
C GLN D 223 -18.61 -30.76 -0.40
N LEU D 224 -17.67 -30.82 0.55
CA LEU D 224 -16.57 -31.78 0.55
C LEU D 224 -15.80 -31.71 -0.76
N ASP D 225 -15.57 -30.49 -1.24
CA ASP D 225 -14.96 -30.23 -2.54
C ASP D 225 -13.62 -29.52 -2.36
N PRO D 226 -12.49 -30.24 -2.37
CA PRO D 226 -11.20 -29.55 -2.24
C PRO D 226 -10.87 -28.68 -3.44
N VAL D 227 -11.36 -29.03 -4.62
CA VAL D 227 -11.10 -28.22 -5.80
C VAL D 227 -11.86 -26.90 -5.73
N SER D 228 -13.12 -26.93 -5.31
CA SER D 228 -13.87 -25.69 -5.15
C SER D 228 -13.27 -24.83 -4.05
N PHE D 229 -12.79 -25.45 -2.97
CA PHE D 229 -12.17 -24.68 -1.91
C PHE D 229 -10.89 -24.00 -2.40
N SER D 230 -10.10 -24.70 -3.22
CA SER D 230 -8.90 -24.09 -3.79
C SER D 230 -9.25 -22.90 -4.69
N ASN D 231 -10.24 -23.07 -5.57
CA ASN D 231 -10.63 -21.97 -6.46
C ASN D 231 -11.17 -20.79 -5.66
N TYR D 232 -11.95 -21.08 -4.61
CA TYR D 232 -12.50 -20.01 -3.79
C TYR D 232 -11.40 -19.20 -3.11
N LEU D 233 -10.34 -19.87 -2.66
CA LEU D 233 -9.22 -19.15 -2.07
C LEU D 233 -8.47 -18.34 -3.12
N LYS D 234 -8.39 -18.85 -4.35
CA LYS D 234 -7.72 -18.12 -5.42
C LYS D 234 -8.53 -16.93 -5.90
N LYS D 235 -9.84 -16.93 -5.70
CA LYS D 235 -10.71 -15.86 -6.19
C LYS D 235 -10.85 -14.72 -5.19
N TYR D 236 -10.97 -15.03 -3.90
CA TYR D 236 -11.21 -14.02 -2.88
C TYR D 236 -10.09 -13.88 -1.87
N HIS D 237 -9.18 -14.86 -1.76
CA HIS D 237 -8.02 -14.77 -0.87
C HIS D 237 -8.44 -14.53 0.58
N ASN D 238 -9.55 -15.15 0.99
CA ASN D 238 -9.98 -15.07 2.37
C ASN D 238 -8.87 -15.51 3.31
N THR D 239 -8.67 -14.73 4.38
CA THR D 239 -7.57 -14.97 5.31
C THR D 239 -7.93 -16.09 6.30
N ILE D 240 -8.14 -17.28 5.74
CA ILE D 240 -8.37 -18.49 6.51
C ILE D 240 -7.01 -19.11 6.79
N CYS D 241 -6.56 -19.03 8.05
CA CYS D 241 -5.18 -19.39 8.36
C CYS D 241 -4.94 -20.89 8.35
N GLY D 242 -5.98 -21.69 8.58
CA GLY D 242 -5.84 -23.14 8.53
C GLY D 242 -6.29 -23.74 7.21
N ARG D 243 -6.15 -22.99 6.12
CA ARG D 243 -6.62 -23.48 4.83
C ARG D 243 -5.88 -24.74 4.38
N HIS D 244 -4.60 -24.86 4.73
CA HIS D 244 -3.86 -26.06 4.33
C HIS D 244 -4.29 -27.29 5.10
N PRO D 245 -4.45 -27.27 6.43
CA PRO D 245 -5.07 -28.43 7.10
C PRO D 245 -6.45 -28.74 6.57
N ILE D 246 -7.22 -27.71 6.21
CA ILE D 246 -8.56 -27.94 5.67
C ILE D 246 -8.48 -28.63 4.31
N GLY D 247 -7.58 -28.17 3.45
CA GLY D 247 -7.39 -28.84 2.17
C GLY D 247 -6.96 -30.28 2.31
N VAL D 248 -6.17 -30.59 3.34
CA VAL D 248 -5.79 -31.97 3.60
C VAL D 248 -7.01 -32.80 4.00
N LEU D 249 -7.85 -32.24 4.87
CA LEU D 249 -9.05 -32.95 5.30
C LEU D 249 -10.00 -33.18 4.14
N LEU D 250 -10.19 -32.16 3.29
CA LEU D 250 -11.11 -32.29 2.17
C LEU D 250 -10.67 -33.37 1.20
N ASN D 251 -9.36 -33.49 0.96
CA ASN D 251 -8.87 -34.55 0.09
C ASN D 251 -9.02 -35.91 0.75
N ALA D 252 -8.84 -35.98 2.07
CA ALA D 252 -9.07 -37.23 2.78
C ALA D 252 -10.52 -37.66 2.68
N ILE D 253 -11.45 -36.69 2.70
CA ILE D 253 -12.86 -37.01 2.59
C ILE D 253 -13.17 -37.58 1.21
N THR D 254 -12.65 -36.94 0.15
CA THR D 254 -12.92 -37.41 -1.20
C THR D 254 -12.26 -38.75 -1.47
N GLU D 255 -11.11 -39.01 -0.85
CA GLU D 255 -10.51 -40.33 -0.99
C GLU D 255 -11.37 -41.39 -0.30
N LEU D 256 -12.02 -41.04 0.80
CA LEU D 256 -12.95 -41.96 1.44
C LEU D 256 -14.25 -42.07 0.63
N GLN D 257 -14.67 -40.97 0.00
CA GLN D 257 -15.85 -41.02 -0.86
C GLN D 257 -15.63 -41.91 -2.08
N LYS D 258 -14.43 -41.86 -2.65
CA LYS D 258 -14.10 -42.69 -3.80
C LYS D 258 -14.16 -44.18 -3.49
N ASN D 259 -14.04 -44.56 -2.22
CA ASN D 259 -14.02 -45.96 -1.82
C ASN D 259 -15.33 -46.42 -1.19
N GLY D 260 -16.41 -45.66 -1.36
CA GLY D 260 -17.74 -46.09 -0.97
C GLY D 260 -18.30 -45.44 0.29
N MET D 261 -17.48 -44.80 1.11
CA MET D 261 -17.99 -44.22 2.35
C MET D 261 -18.80 -42.95 2.08
N ASN D 262 -19.91 -42.80 2.78
CA ASN D 262 -20.80 -41.65 2.66
C ASN D 262 -20.78 -40.87 3.97
N MET D 263 -20.39 -39.60 3.91
CA MET D 263 -20.22 -38.75 5.08
C MET D 263 -20.86 -37.39 4.84
N SER D 264 -20.97 -36.61 5.91
CA SER D 264 -21.58 -35.29 5.86
C SER D 264 -20.88 -34.36 6.83
N PHE D 265 -20.56 -33.14 6.39
CA PHE D 265 -19.99 -32.12 7.25
C PHE D 265 -20.99 -30.99 7.43
N SER D 266 -21.11 -30.51 8.67
CA SER D 266 -22.04 -29.44 9.01
C SER D 266 -21.36 -28.45 9.95
N PHE D 267 -21.44 -27.17 9.61
CA PHE D 267 -20.98 -26.13 10.52
C PHE D 267 -22.09 -25.80 11.50
N LEU D 268 -21.72 -25.58 12.76
CA LEU D 268 -22.69 -25.45 13.83
C LEU D 268 -22.67 -24.11 14.55
N ASN D 269 -21.66 -23.28 14.34
CA ASN D 269 -21.62 -21.99 15.03
C ASN D 269 -20.67 -21.05 14.30
N TYR D 270 -21.11 -19.82 14.07
CA TYR D 270 -20.28 -18.77 13.48
C TYR D 270 -20.21 -17.59 14.43
N ALA D 271 -19.05 -16.95 14.48
CA ALA D 271 -18.85 -15.81 15.36
C ALA D 271 -17.70 -14.97 14.85
N GLN D 272 -17.70 -13.70 15.23
CA GLN D 272 -16.64 -12.77 14.90
C GLN D 272 -16.14 -12.11 16.17
N SER D 273 -14.82 -11.93 16.28
CA SER D 273 -14.24 -11.30 17.46
C SER D 273 -14.82 -9.91 17.68
N SER D 274 -15.17 -9.21 16.60
CA SER D 274 -15.85 -7.93 16.69
C SER D 274 -16.63 -7.73 15.40
N GLN D 275 -17.50 -6.72 15.39
CA GLN D 275 -18.32 -6.40 14.24
C GLN D 275 -17.75 -5.15 13.57
N CYS D 276 -17.08 -5.34 12.44
CA CYS D 276 -16.49 -4.23 11.72
C CYS D 276 -17.56 -3.43 11.01
N ARG D 277 -17.48 -2.10 11.12
CA ARG D 277 -18.47 -1.24 10.47
C ARG D 277 -17.80 -0.18 9.60
N ASN D 278 -16.57 0.21 9.94
CA ASN D 278 -15.83 1.20 9.16
C ASN D 278 -14.45 0.64 8.82
N TRP D 279 -13.70 1.40 8.03
CA TRP D 279 -12.45 0.90 7.44
C TRP D 279 -11.32 0.78 8.45
N GLN D 280 -11.45 1.42 9.61
CA GLN D 280 -10.43 1.34 10.66
C GLN D 280 -10.67 0.17 11.62
N ASP D 281 -11.72 -0.61 11.42
CA ASP D 281 -12.02 -1.73 12.29
C ASP D 281 -11.32 -3.00 11.81
N SER D 282 -11.23 -3.97 12.72
CA SER D 282 -10.62 -5.26 12.41
C SER D 282 -11.26 -6.34 13.28
N SER D 283 -11.31 -7.56 12.74
CA SER D 283 -11.94 -8.67 13.44
C SER D 283 -11.43 -9.99 12.90
N VAL D 284 -11.59 -11.04 13.70
CA VAL D 284 -11.26 -12.42 13.33
C VAL D 284 -12.51 -13.27 13.49
N SER D 285 -12.80 -14.10 12.49
CA SER D 285 -13.99 -14.92 12.47
C SER D 285 -13.68 -16.33 12.95
N TYR D 286 -14.69 -16.95 13.58
CA TYR D 286 -14.58 -18.30 14.13
C TYR D 286 -15.75 -19.15 13.67
N ALA D 287 -15.45 -20.38 13.25
CA ALA D 287 -16.48 -21.31 12.77
C ALA D 287 -16.19 -22.70 13.33
N ALA D 288 -17.24 -23.35 13.83
CA ALA D 288 -17.14 -24.69 14.40
C ALA D 288 -18.00 -25.65 13.61
N GLY D 289 -17.40 -26.78 13.20
CA GLY D 289 -18.10 -27.77 12.40
C GLY D 289 -17.68 -29.17 12.77
N ALA D 290 -18.45 -30.14 12.27
CA ALA D 290 -18.23 -31.54 12.56
C ALA D 290 -18.47 -32.35 11.30
N LEU D 291 -17.69 -33.43 11.16
CA LEU D 291 -17.87 -34.40 10.09
C LEU D 291 -18.37 -35.70 10.68
N THR D 292 -19.52 -36.17 10.19
CA THR D 292 -20.13 -37.41 10.73
C THR D 292 -20.24 -38.42 9.59
N VAL D 293 -19.86 -39.67 9.85
CA VAL D 293 -19.93 -40.75 8.82
C VAL D 293 -21.05 -41.70 9.20
C1 EDO E . -1.12 23.43 -36.56
O1 EDO E . -1.24 22.00 -36.53
C2 EDO E . -0.04 23.86 -35.57
O2 EDO E . -0.27 23.21 -34.31
C1 EDO F . -0.47 34.93 -42.66
O1 EDO F . -1.59 34.45 -41.90
C2 EDO F . 0.42 35.78 -41.76
O2 EDO F . -0.36 36.83 -41.19
CU CU1 G . 0.04 25.16 -18.28
C1 GOL H . 34.56 -14.15 20.20
O1 GOL H . 35.48 -13.48 21.00
C2 GOL H . 33.53 -14.83 21.12
O2 GOL H . 32.22 -14.56 20.74
C3 GOL H . 33.87 -16.33 21.05
O3 GOL H . 35.08 -16.51 21.72
C1 EDO I . 15.71 -22.97 48.63
O1 EDO I . 16.30 -24.24 48.28
C2 EDO I . 14.33 -23.22 49.22
O2 EDO I . 13.53 -23.95 48.28
C1 EDO J . 21.82 9.01 5.37
O1 EDO J . 21.76 8.08 4.28
C2 EDO J . 23.23 9.02 5.94
O2 EDO J . 23.64 7.67 6.20
CU CU1 K . 14.12 -13.30 25.10
C1 EDO L . -16.41 -9.68 -27.31
O1 EDO L . -16.32 -10.01 -25.93
C2 EDO L . -15.06 -9.16 -27.80
O2 EDO L . -14.04 -10.10 -27.47
C1 EDO M . -15.79 17.05 -22.08
O1 EDO M . -15.01 16.46 -23.12
C2 EDO M . -16.64 18.19 -22.63
O2 EDO M . -17.24 18.89 -21.54
C1 EDO N . -29.86 -0.34 -11.21
O1 EDO N . -30.13 -0.91 -9.92
C2 EDO N . -28.92 0.85 -11.04
O2 EDO N . -28.22 1.09 -12.26
C1 EDO O . -23.20 2.61 -8.38
O1 EDO O . -24.31 3.51 -8.41
C2 EDO O . -23.69 1.19 -8.16
O2 EDO O . -24.62 0.85 -9.19
C1 EDO P . -14.72 -7.52 -37.12
O1 EDO P . -13.53 -8.16 -36.64
C2 EDO P . -14.50 -7.04 -38.55
O2 EDO P . -13.36 -6.17 -38.58
C1 EDO Q . -17.81 0.75 -6.44
O1 EDO Q . -19.03 0.60 -5.69
C2 EDO Q . -18.05 0.32 -7.87
O2 EDO Q . -16.84 0.51 -8.63
C1 EDO R . -27.42 21.23 -37.68
O1 EDO R . -26.14 21.73 -38.09
C2 EDO R . -28.20 22.36 -36.99
O2 EDO R . -27.32 23.12 -36.17
C1 EDO S . 2.69 -13.15 -11.43
O1 EDO S . 1.70 -13.92 -10.74
C2 EDO S . 3.57 -12.42 -10.42
O2 EDO S . 2.75 -11.64 -9.54
CU CU1 T . -10.97 7.18 -17.13
C1 EDO U . -6.39 -29.34 -2.60
O1 EDO U . -7.37 -28.70 -1.78
C2 EDO U . -6.98 -29.68 -3.97
O2 EDO U . -7.06 -28.50 -4.77
C1 EDO V . -6.10 -25.21 -0.07
O1 EDO V . -5.31 -24.23 0.59
C2 EDO V . -6.23 -24.88 -1.55
O2 EDO V . -4.94 -24.83 -2.17
C1 EDO W . 5.53 -32.78 -4.86
O1 EDO W . 4.24 -33.34 -4.66
C2 EDO W . 5.69 -31.55 -3.96
O2 EDO W . 4.68 -30.59 -4.27
C1 EDO X . -3.72 -38.99 28.62
O1 EDO X . -4.03 -39.34 27.26
C2 EDO X . -3.56 -40.23 29.48
O2 EDO X . -2.57 -41.09 28.91
CU CU1 Y . -4.80 -17.35 13.54
#